data_395D
# 
_entry.id   395D 
# 
_audit_conform.dict_name       mmcif_pdbx.dic 
_audit_conform.dict_version    5.387 
_audit_conform.dict_location   http://mmcif.pdb.org/dictionaries/ascii/mmcif_pdbx.dic 
# 
loop_
_database_2.database_id 
_database_2.database_code 
_database_2.pdbx_database_accession 
_database_2.pdbx_DOI 
PDB   395D         pdb_0000395d 10.2210/pdb395d/pdb 
RCSB  ADJ0112      ?            ?                   
WWPDB D_1000178859 ?            ?                   
# 
loop_
_pdbx_audit_revision_history.ordinal 
_pdbx_audit_revision_history.data_content_type 
_pdbx_audit_revision_history.major_revision 
_pdbx_audit_revision_history.minor_revision 
_pdbx_audit_revision_history.revision_date 
1 'Structure model' 1 0 1998-05-01 
2 'Structure model' 1 1 2008-05-22 
3 'Structure model' 1 2 2011-07-13 
4 'Structure model' 1 3 2011-11-16 
5 'Structure model' 1 4 2024-02-21 
# 
_pdbx_audit_revision_details.ordinal             1 
_pdbx_audit_revision_details.revision_ordinal    1 
_pdbx_audit_revision_details.data_content_type   'Structure model' 
_pdbx_audit_revision_details.provider            repository 
_pdbx_audit_revision_details.type                'Initial release' 
_pdbx_audit_revision_details.description         ? 
_pdbx_audit_revision_details.details             ? 
# 
loop_
_pdbx_audit_revision_group.ordinal 
_pdbx_audit_revision_group.revision_ordinal 
_pdbx_audit_revision_group.data_content_type 
_pdbx_audit_revision_group.group 
1 2 'Structure model' 'Version format compliance' 
2 3 'Structure model' 'Version format compliance' 
3 4 'Structure model' 'Atomic model'              
4 5 'Structure model' 'Data collection'           
5 5 'Structure model' 'Database references'       
# 
loop_
_pdbx_audit_revision_category.ordinal 
_pdbx_audit_revision_category.revision_ordinal 
_pdbx_audit_revision_category.data_content_type 
_pdbx_audit_revision_category.category 
1 5 'Structure model' chem_comp_atom 
2 5 'Structure model' chem_comp_bond 
3 5 'Structure model' database_2     
# 
loop_
_pdbx_audit_revision_item.ordinal 
_pdbx_audit_revision_item.revision_ordinal 
_pdbx_audit_revision_item.data_content_type 
_pdbx_audit_revision_item.item 
1 5 'Structure model' '_database_2.pdbx_DOI'                
2 5 'Structure model' '_database_2.pdbx_database_accession' 
# 
_pdbx_database_status.status_code                     REL 
_pdbx_database_status.entry_id                        395D 
_pdbx_database_status.recvd_initial_deposition_date   1998-04-29 
_pdbx_database_status.deposit_site                    NDB 
_pdbx_database_status.process_site                    NDB 
_pdbx_database_status.SG_entry                        . 
_pdbx_database_status.pdb_format_compatible           Y 
_pdbx_database_status.status_code_mr                  ? 
_pdbx_database_status.status_code_sf                  ? 
_pdbx_database_status.status_code_cs                  ? 
_pdbx_database_status.status_code_nmr_data            ? 
_pdbx_database_status.methods_development_category    ? 
# 
loop_
_audit_author.name 
_audit_author.pdbx_ordinal 
'Ban, C.'           1 
'Sundaralingam, M.' 2 
# 
_citation.id                        primary 
_citation.title                     'Crystal Structures of Two Isomorphous A-DNA Decamers d(GTACGCGTAC) and d(GGCCGCGGCC)' 
_citation.journal_abbrev            'To be Published' 
_citation.journal_volume            ? 
_citation.page_first                ? 
_citation.page_last                 ? 
_citation.year                      ? 
_citation.journal_id_ASTM           ? 
_citation.country                   ? 
_citation.journal_id_ISSN           ? 
_citation.journal_id_CSD            0353 
_citation.book_publisher            ? 
_citation.pdbx_database_id_PubMed   ? 
_citation.pdbx_database_id_DOI      ? 
# 
loop_
_citation_author.citation_id 
_citation_author.name 
_citation_author.ordinal 
_citation_author.identifier_ORCID 
primary 'Ban, C.'           1 ? 
primary 'Ramakrishnan, B.'  2 ? 
primary 'Sundaralingam, M.' 3 ? 
# 
loop_
_entity.id 
_entity.type 
_entity.src_method 
_entity.pdbx_description 
_entity.formula_weight 
_entity.pdbx_number_of_molecules 
_entity.pdbx_ec 
_entity.pdbx_mutation 
_entity.pdbx_fragment 
_entity.details 
1 polymer syn 
;DNA (5'-D(*GP*TP*AP*CP*GP*CP*GP*TP*AP*C)-3')
;
3045.005 1  ? ? ? ? 
2 water   nat water                                          18.015   40 ? ? ? ? 
# 
_entity_poly.entity_id                      1 
_entity_poly.type                           polydeoxyribonucleotide 
_entity_poly.nstd_linkage                   no 
_entity_poly.nstd_monomer                   no 
_entity_poly.pdbx_seq_one_letter_code       '(DG)(DT)(DA)(DC)(DG)(DC)(DG)(DT)(DA)(DC)' 
_entity_poly.pdbx_seq_one_letter_code_can   GTACGCGTAC 
_entity_poly.pdbx_strand_id                 A 
_entity_poly.pdbx_target_identifier         ? 
# 
_pdbx_entity_nonpoly.entity_id   2 
_pdbx_entity_nonpoly.name        water 
_pdbx_entity_nonpoly.comp_id     HOH 
# 
loop_
_entity_poly_seq.entity_id 
_entity_poly_seq.num 
_entity_poly_seq.mon_id 
_entity_poly_seq.hetero 
1 1  DG n 
1 2  DT n 
1 3  DA n 
1 4  DC n 
1 5  DG n 
1 6  DC n 
1 7  DG n 
1 8  DT n 
1 9  DA n 
1 10 DC n 
# 
loop_
_chem_comp.id 
_chem_comp.type 
_chem_comp.mon_nstd_flag 
_chem_comp.name 
_chem_comp.pdbx_synonyms 
_chem_comp.formula 
_chem_comp.formula_weight 
DA  'DNA linking' y "2'-DEOXYADENOSINE-5'-MONOPHOSPHATE" ? 'C10 H14 N5 O6 P' 331.222 
DC  'DNA linking' y "2'-DEOXYCYTIDINE-5'-MONOPHOSPHATE"  ? 'C9 H14 N3 O7 P'  307.197 
DG  'DNA linking' y "2'-DEOXYGUANOSINE-5'-MONOPHOSPHATE" ? 'C10 H14 N5 O7 P' 347.221 
DT  'DNA linking' y "THYMIDINE-5'-MONOPHOSPHATE"         ? 'C10 H15 N2 O8 P' 322.208 
HOH non-polymer   . WATER                                ? 'H2 O'            18.015  
# 
loop_
_pdbx_poly_seq_scheme.asym_id 
_pdbx_poly_seq_scheme.entity_id 
_pdbx_poly_seq_scheme.seq_id 
_pdbx_poly_seq_scheme.mon_id 
_pdbx_poly_seq_scheme.ndb_seq_num 
_pdbx_poly_seq_scheme.pdb_seq_num 
_pdbx_poly_seq_scheme.auth_seq_num 
_pdbx_poly_seq_scheme.pdb_mon_id 
_pdbx_poly_seq_scheme.auth_mon_id 
_pdbx_poly_seq_scheme.pdb_strand_id 
_pdbx_poly_seq_scheme.pdb_ins_code 
_pdbx_poly_seq_scheme.hetero 
A 1 1  DG 1  1  1  DG G A . n 
A 1 2  DT 2  2  2  DT T A . n 
A 1 3  DA 3  3  3  DA A A . n 
A 1 4  DC 4  4  4  DC C A . n 
A 1 5  DG 5  5  5  DG G A . n 
A 1 6  DC 6  6  6  DC C A . n 
A 1 7  DG 7  7  7  DG G A . n 
A 1 8  DT 8  8  8  DT T A . n 
A 1 9  DA 9  9  9  DA A A . n 
A 1 10 DC 10 10 10 DC C A . n 
# 
loop_
_pdbx_nonpoly_scheme.asym_id 
_pdbx_nonpoly_scheme.entity_id 
_pdbx_nonpoly_scheme.mon_id 
_pdbx_nonpoly_scheme.ndb_seq_num 
_pdbx_nonpoly_scheme.pdb_seq_num 
_pdbx_nonpoly_scheme.auth_seq_num 
_pdbx_nonpoly_scheme.pdb_mon_id 
_pdbx_nonpoly_scheme.auth_mon_id 
_pdbx_nonpoly_scheme.pdb_strand_id 
_pdbx_nonpoly_scheme.pdb_ins_code 
B 2 HOH 1  101 101 HOH HOH A . 
B 2 HOH 2  102 102 HOH HOH A . 
B 2 HOH 3  103 103 HOH HOH A . 
B 2 HOH 4  104 104 HOH HOH A . 
B 2 HOH 5  105 105 HOH HOH A . 
B 2 HOH 6  106 106 HOH HOH A . 
B 2 HOH 7  107 107 HOH HOH A . 
B 2 HOH 8  108 108 HOH HOH A . 
B 2 HOH 9  109 109 HOH HOH A . 
B 2 HOH 10 110 110 HOH HOH A . 
B 2 HOH 11 111 111 HOH HOH A . 
B 2 HOH 12 112 112 HOH HOH A . 
B 2 HOH 13 113 113 HOH HOH A . 
B 2 HOH 14 114 114 HOH HOH A . 
B 2 HOH 15 115 115 HOH HOH A . 
B 2 HOH 16 116 116 HOH HOH A . 
B 2 HOH 17 117 117 HOH HOH A . 
B 2 HOH 18 118 118 HOH HOH A . 
B 2 HOH 19 119 119 HOH HOH A . 
B 2 HOH 20 120 120 HOH HOH A . 
B 2 HOH 21 121 121 HOH HOH A . 
B 2 HOH 22 122 122 HOH HOH A . 
B 2 HOH 23 123 123 HOH HOH A . 
B 2 HOH 24 124 124 HOH HOH A . 
B 2 HOH 25 125 125 HOH HOH A . 
B 2 HOH 26 126 126 HOH HOH A . 
B 2 HOH 27 127 127 HOH HOH A . 
B 2 HOH 28 128 128 HOH HOH A . 
B 2 HOH 29 129 129 HOH HOH A . 
B 2 HOH 30 130 130 HOH HOH A . 
B 2 HOH 31 131 131 HOH HOH A . 
B 2 HOH 32 132 132 HOH HOH A . 
B 2 HOH 33 133 133 HOH HOH A . 
B 2 HOH 34 134 134 HOH HOH A . 
B 2 HOH 35 135 135 HOH HOH A . 
B 2 HOH 36 136 136 HOH HOH A . 
B 2 HOH 37 137 137 HOH HOH A . 
B 2 HOH 38 138 138 HOH HOH A . 
B 2 HOH 39 139 139 HOH HOH A . 
B 2 HOH 40 140 140 HOH HOH A . 
# 
loop_
_software.name 
_software.classification 
_software.version 
_software.citation_id 
_software.pdbx_ordinal 
X-PLOR refinement       3.2 ? 1 
XENGEN 'data reduction' .   ? 2 
XENGEN 'data scaling'   .   ? 3 
# 
_cell.entry_id           395D 
_cell.length_a           39.260 
_cell.length_b           39.260 
_cell.length_c           77.700 
_cell.angle_alpha        90.00 
_cell.angle_beta         90.00 
_cell.angle_gamma        120.00 
_cell.Z_PDB              12 
_cell.pdbx_unique_axis   ? 
# 
_symmetry.entry_id                         395D 
_symmetry.space_group_name_H-M             'P 61 2 2' 
_symmetry.pdbx_full_space_group_name_H-M   ? 
_symmetry.cell_setting                     ? 
_symmetry.Int_Tables_number                178 
# 
_exptl.entry_id          395D 
_exptl.method            'X-RAY DIFFRACTION' 
_exptl.crystals_number   1 
# 
_exptl_crystal.id                    1 
_exptl_crystal.density_meas          ? 
_exptl_crystal.density_Matthews      2.84 
_exptl_crystal.density_percent_sol   56.67 
_exptl_crystal.description           ? 
# 
_exptl_crystal_grow.crystal_id      1 
_exptl_crystal_grow.method          'VAPOR DIFFUSION, HANGING DROP' 
_exptl_crystal_grow.temp            291.00 
_exptl_crystal_grow.temp_details    ? 
_exptl_crystal_grow.pH              6.00 
_exptl_crystal_grow.pdbx_details    'pH 6.00, VAPOR DIFFUSION, HANGING DROP, temperature 291.00K' 
_exptl_crystal_grow.pdbx_pH_range   ? 
# 
loop_
_exptl_crystal_grow_comp.crystal_id 
_exptl_crystal_grow_comp.id 
_exptl_crystal_grow_comp.sol_id 
_exptl_crystal_grow_comp.name 
_exptl_crystal_grow_comp.volume 
_exptl_crystal_grow_comp.conc 
_exptl_crystal_grow_comp.details 
1 1 1 WATER             ? ? ? 
1 2 1 NA-CACODYLATE     ? ? ? 
1 3 1 'COBALT HEXAMINE' ? ? ? 
1 4 1 MPD               ? ? ? 
1 5 2 WATER             ? ? ? 
1 6 2 MPD               ? ? ? 
# 
_diffrn.id                     1 
_diffrn.crystal_id             1 
_diffrn.ambient_temp           ? 
_diffrn.ambient_temp_details   ? 
# 
_diffrn_detector.diffrn_id              1 
_diffrn_detector.detector               'AREA DETECTOR' 
_diffrn_detector.type                   SIEMENS 
_diffrn_detector.pdbx_collection_date   1995-07-13 
_diffrn_detector.details                ? 
# 
_diffrn_radiation.diffrn_id                        1 
_diffrn_radiation.wavelength_id                    1 
_diffrn_radiation.pdbx_monochromatic_or_laue_m_l   M 
_diffrn_radiation.monochromator                    ? 
_diffrn_radiation.pdbx_diffrn_protocol             ? 
_diffrn_radiation.pdbx_scattering_type             x-ray 
# 
_diffrn_radiation_wavelength.id           1 
_diffrn_radiation_wavelength.wavelength   . 
_diffrn_radiation_wavelength.wt           1.0 
# 
_diffrn_source.diffrn_id                   1 
_diffrn_source.source                      ? 
_diffrn_source.type                        ? 
_diffrn_source.pdbx_synchrotron_site       ? 
_diffrn_source.pdbx_synchrotron_beamline   ? 
_diffrn_source.pdbx_wavelength             ? 
_diffrn_source.pdbx_wavelength_list        ? 
# 
_reflns.entry_id                     395D 
_reflns.observed_criterion_sigma_I   ? 
_reflns.observed_criterion_sigma_F   1.000 
_reflns.d_resolution_low             20.000 
_reflns.d_resolution_high            1.900 
_reflns.number_obs                   2656 
_reflns.number_all                   ? 
_reflns.percent_possible_obs         96.000 
_reflns.pdbx_Rmerge_I_obs            0.0250000 
_reflns.pdbx_Rsym_value              ? 
_reflns.pdbx_netI_over_sigmaI        ? 
_reflns.B_iso_Wilson_estimate        ? 
_reflns.pdbx_redundancy              4.000 
_reflns.pdbx_diffrn_id               1 
_reflns.pdbx_ordinal                 1 
# 
_refine.entry_id                                 395D 
_refine.ls_number_reflns_obs                     2089 
_refine.ls_number_reflns_all                     ? 
_refine.pdbx_ls_sigma_I                          ? 
_refine.pdbx_ls_sigma_F                          2.000 
_refine.pdbx_data_cutoff_high_absF               ? 
_refine.pdbx_data_cutoff_low_absF                ? 
_refine.pdbx_data_cutoff_high_rms_absF           ? 
_refine.ls_d_res_low                             8.000 
_refine.ls_d_res_high                            1.900 
_refine.ls_percent_reflns_obs                    ? 
_refine.ls_R_factor_obs                          0.1950000 
_refine.ls_R_factor_all                          ? 
_refine.ls_R_factor_R_work                       0.1950000 
_refine.ls_R_factor_R_free                       ? 
_refine.ls_R_factor_R_free_error                 ? 
_refine.ls_R_factor_R_free_error_details         ? 
_refine.ls_percent_reflns_R_free                 ? 
_refine.ls_number_reflns_R_free                  ? 
_refine.ls_number_parameters                     ? 
_refine.ls_number_restraints                     ? 
_refine.occupancy_min                            ? 
_refine.occupancy_max                            ? 
_refine.B_iso_mean                               ? 
_refine.aniso_B[1][1]                            ? 
_refine.aniso_B[2][2]                            ? 
_refine.aniso_B[3][3]                            ? 
_refine.aniso_B[1][2]                            ? 
_refine.aniso_B[1][3]                            ? 
_refine.aniso_B[2][3]                            ? 
_refine.solvent_model_details                    ? 
_refine.solvent_model_param_ksol                 ? 
_refine.solvent_model_param_bsol                 ? 
_refine.pdbx_ls_cross_valid_method               ? 
_refine.details                                  ? 
_refine.pdbx_starting_model                      ? 
_refine.pdbx_method_to_determine_struct          ? 
_refine.pdbx_isotropic_thermal_model             ? 
_refine.pdbx_stereochemistry_target_values       ? 
_refine.pdbx_stereochem_target_val_spec_case     ? 
_refine.pdbx_R_Free_selection_details            ? 
_refine.pdbx_overall_ESU_R                       ? 
_refine.pdbx_overall_ESU_R_Free                  ? 
_refine.overall_SU_ML                            ? 
_refine.overall_SU_B                             ? 
_refine.pdbx_refine_id                           'X-RAY DIFFRACTION' 
_refine.pdbx_diffrn_id                           1 
_refine.pdbx_TLS_residual_ADP_flag               ? 
_refine.correlation_coeff_Fo_to_Fc               ? 
_refine.correlation_coeff_Fo_to_Fc_free          ? 
_refine.pdbx_solvent_vdw_probe_radii             ? 
_refine.pdbx_solvent_ion_probe_radii             ? 
_refine.pdbx_solvent_shrinkage_radii             ? 
_refine.pdbx_overall_phase_error                 ? 
_refine.overall_SU_R_Cruickshank_DPI             ? 
_refine.pdbx_overall_SU_R_free_Cruickshank_DPI   ? 
_refine.pdbx_overall_SU_R_Blow_DPI               ? 
_refine.pdbx_overall_SU_R_free_Blow_DPI          ? 
# 
_refine_hist.pdbx_refine_id                   'X-RAY DIFFRACTION' 
_refine_hist.cycle_id                         LAST 
_refine_hist.pdbx_number_atoms_protein        0 
_refine_hist.pdbx_number_atoms_nucleic_acid   202 
_refine_hist.pdbx_number_atoms_ligand         0 
_refine_hist.number_atoms_solvent             40 
_refine_hist.number_atoms_total               242 
_refine_hist.d_res_high                       1.900 
_refine_hist.d_res_low                        8.000 
# 
loop_
_refine_ls_restr.type 
_refine_ls_restr.dev_ideal 
_refine_ls_restr.dev_ideal_target 
_refine_ls_restr.weight 
_refine_ls_restr.number 
_refine_ls_restr.pdbx_refine_id 
_refine_ls_restr.pdbx_restraint_function 
x_bond_d                0.027 ? ? ? 'X-RAY DIFFRACTION' ? 
x_bond_d_na             ?     ? ? ? 'X-RAY DIFFRACTION' ? 
x_bond_d_prot           ?     ? ? ? 'X-RAY DIFFRACTION' ? 
x_angle_d               ?     ? ? ? 'X-RAY DIFFRACTION' ? 
x_angle_d_na            ?     ? ? ? 'X-RAY DIFFRACTION' ? 
x_angle_d_prot          ?     ? ? ? 'X-RAY DIFFRACTION' ? 
x_angle_deg             3.90  ? ? ? 'X-RAY DIFFRACTION' ? 
x_angle_deg_na          ?     ? ? ? 'X-RAY DIFFRACTION' ? 
x_angle_deg_prot        ?     ? ? ? 'X-RAY DIFFRACTION' ? 
x_dihedral_angle_d      ?     ? ? ? 'X-RAY DIFFRACTION' ? 
x_dihedral_angle_d_na   ?     ? ? ? 'X-RAY DIFFRACTION' ? 
x_dihedral_angle_d_prot ?     ? ? ? 'X-RAY DIFFRACTION' ? 
x_improper_angle_d      ?     ? ? ? 'X-RAY DIFFRACTION' ? 
x_improper_angle_d_na   ?     ? ? ? 'X-RAY DIFFRACTION' ? 
x_improper_angle_d_prot ?     ? ? ? 'X-RAY DIFFRACTION' ? 
x_mcbond_it             ?     ? ? ? 'X-RAY DIFFRACTION' ? 
x_mcangle_it            ?     ? ? ? 'X-RAY DIFFRACTION' ? 
x_scbond_it             ?     ? ? ? 'X-RAY DIFFRACTION' ? 
x_scangle_it            ?     ? ? ? 'X-RAY DIFFRACTION' ? 
# 
_pdbx_xplor_file.serial_no        1 
_pdbx_xplor_file.param_file       PARAM11.DNA 
_pdbx_xplor_file.topol_file       ? 
_pdbx_xplor_file.pdbx_refine_id   'X-RAY DIFFRACTION' 
# 
_struct.entry_id                  395D 
_struct.title                     'CRYSTAL STRUCTURES OF TWO ISOMORPHOUS A-DNA DECAMERS D(GTACGCGTAC) AND D(GGCCGCGGCC)' 
_struct.pdbx_model_details        ? 
_struct.pdbx_CASP_flag            ? 
_struct.pdbx_model_type_details   ? 
# 
_struct_keywords.entry_id        395D 
_struct_keywords.pdbx_keywords   DNA 
_struct_keywords.text            'A-DNA, DOUBLE HELIX, DNA' 
# 
loop_
_struct_asym.id 
_struct_asym.pdbx_blank_PDB_chainid_flag 
_struct_asym.pdbx_modified 
_struct_asym.entity_id 
_struct_asym.details 
A N N 1 ? 
B N N 2 ? 
# 
_struct_ref.id                         1 
_struct_ref.entity_id                  1 
_struct_ref.db_name                    PDB 
_struct_ref.db_code                    395D 
_struct_ref.pdbx_db_accession          395D 
_struct_ref.pdbx_db_isoform            ? 
_struct_ref.pdbx_seq_one_letter_code   ? 
_struct_ref.pdbx_align_begin           ? 
# 
_struct_ref_seq.align_id                      1 
_struct_ref_seq.ref_id                        1 
_struct_ref_seq.pdbx_PDB_id_code              395D 
_struct_ref_seq.pdbx_strand_id                A 
_struct_ref_seq.seq_align_beg                 1 
_struct_ref_seq.pdbx_seq_align_beg_ins_code   ? 
_struct_ref_seq.seq_align_end                 10 
_struct_ref_seq.pdbx_seq_align_end_ins_code   ? 
_struct_ref_seq.pdbx_db_accession             395D 
_struct_ref_seq.db_align_beg                  1 
_struct_ref_seq.pdbx_db_align_beg_ins_code    ? 
_struct_ref_seq.db_align_end                  10 
_struct_ref_seq.pdbx_db_align_end_ins_code    ? 
_struct_ref_seq.pdbx_auth_seq_align_beg       1 
_struct_ref_seq.pdbx_auth_seq_align_end       10 
# 
_pdbx_struct_assembly.id                   1 
_pdbx_struct_assembly.details              author_defined_assembly 
_pdbx_struct_assembly.method_details       ? 
_pdbx_struct_assembly.oligomeric_details   dimeric 
_pdbx_struct_assembly.oligomeric_count     2 
# 
_pdbx_struct_assembly_gen.assembly_id       1 
_pdbx_struct_assembly_gen.oper_expression   1,2 
_pdbx_struct_assembly_gen.asym_id_list      A,B 
# 
loop_
_pdbx_struct_oper_list.id 
_pdbx_struct_oper_list.type 
_pdbx_struct_oper_list.name 
_pdbx_struct_oper_list.symmetry_operation 
_pdbx_struct_oper_list.matrix[1][1] 
_pdbx_struct_oper_list.matrix[1][2] 
_pdbx_struct_oper_list.matrix[1][3] 
_pdbx_struct_oper_list.vector[1] 
_pdbx_struct_oper_list.matrix[2][1] 
_pdbx_struct_oper_list.matrix[2][2] 
_pdbx_struct_oper_list.matrix[2][3] 
_pdbx_struct_oper_list.vector[2] 
_pdbx_struct_oper_list.matrix[3][1] 
_pdbx_struct_oper_list.matrix[3][2] 
_pdbx_struct_oper_list.matrix[3][3] 
_pdbx_struct_oper_list.vector[3] 
1 'identity operation'         1_555  x,y,z         1.0000000000 0.0000000000 0.0000000000 0.0000000000  0.0000000000 1.0000000000  0.0000000000 0.0000000000 0.0000000000 0.0000000000 1.0000000000  0.0000000000  
2 'crystal symmetry operation' 11_555 -x+y,y,-z+1/2 0.5669086467 0.3088678518 0.7636852993 -0.7775011227 0.3088678518 -0.9391162018 0.1505370708 4.7463942591 0.7636852993 0.1505370708 -0.6277924449 -0.3243945728 
# 
_struct_biol.id   1 
# 
loop_
_struct_conn.id 
_struct_conn.conn_type_id 
_struct_conn.pdbx_leaving_atom_flag 
_struct_conn.pdbx_PDB_id 
_struct_conn.ptnr1_label_asym_id 
_struct_conn.ptnr1_label_comp_id 
_struct_conn.ptnr1_label_seq_id 
_struct_conn.ptnr1_label_atom_id 
_struct_conn.pdbx_ptnr1_label_alt_id 
_struct_conn.pdbx_ptnr1_PDB_ins_code 
_struct_conn.pdbx_ptnr1_standard_comp_id 
_struct_conn.ptnr1_symmetry 
_struct_conn.ptnr2_label_asym_id 
_struct_conn.ptnr2_label_comp_id 
_struct_conn.ptnr2_label_seq_id 
_struct_conn.ptnr2_label_atom_id 
_struct_conn.pdbx_ptnr2_label_alt_id 
_struct_conn.pdbx_ptnr2_PDB_ins_code 
_struct_conn.ptnr1_auth_asym_id 
_struct_conn.ptnr1_auth_comp_id 
_struct_conn.ptnr1_auth_seq_id 
_struct_conn.ptnr2_auth_asym_id 
_struct_conn.ptnr2_auth_comp_id 
_struct_conn.ptnr2_auth_seq_id 
_struct_conn.ptnr2_symmetry 
_struct_conn.pdbx_ptnr3_label_atom_id 
_struct_conn.pdbx_ptnr3_label_seq_id 
_struct_conn.pdbx_ptnr3_label_comp_id 
_struct_conn.pdbx_ptnr3_label_asym_id 
_struct_conn.pdbx_ptnr3_label_alt_id 
_struct_conn.pdbx_ptnr3_PDB_ins_code 
_struct_conn.details 
_struct_conn.pdbx_dist_value 
_struct_conn.pdbx_value_order 
_struct_conn.pdbx_role 
hydrog1  hydrog ? ? A DG 1  N1 ? ? ? 1_555 A DC 10 N3 ? ? A DG 1  A DC 10 11_555 ? ? ? ? ? ? WATSON-CRICK ? ? ? 
hydrog2  hydrog ? ? A DG 1  N2 ? ? ? 1_555 A DC 10 O2 ? ? A DG 1  A DC 10 11_555 ? ? ? ? ? ? WATSON-CRICK ? ? ? 
hydrog3  hydrog ? ? A DG 1  O6 ? ? ? 1_555 A DC 10 N4 ? ? A DG 1  A DC 10 11_555 ? ? ? ? ? ? WATSON-CRICK ? ? ? 
hydrog4  hydrog ? ? A DT 2  N3 ? ? ? 1_555 A DA 9  N1 ? ? A DT 2  A DA 9  11_555 ? ? ? ? ? ? WATSON-CRICK ? ? ? 
hydrog5  hydrog ? ? A DT 2  O4 ? ? ? 1_555 A DA 9  N6 ? ? A DT 2  A DA 9  11_555 ? ? ? ? ? ? WATSON-CRICK ? ? ? 
hydrog6  hydrog ? ? A DA 3  N1 ? ? ? 1_555 A DT 8  N3 ? ? A DA 3  A DT 8  11_555 ? ? ? ? ? ? WATSON-CRICK ? ? ? 
hydrog7  hydrog ? ? A DA 3  N6 ? ? ? 1_555 A DT 8  O4 ? ? A DA 3  A DT 8  11_555 ? ? ? ? ? ? WATSON-CRICK ? ? ? 
hydrog8  hydrog ? ? A DC 4  N3 ? ? ? 1_555 A DG 7  N1 ? ? A DC 4  A DG 7  11_555 ? ? ? ? ? ? WATSON-CRICK ? ? ? 
hydrog9  hydrog ? ? A DC 4  N4 ? ? ? 1_555 A DG 7  O6 ? ? A DC 4  A DG 7  11_555 ? ? ? ? ? ? WATSON-CRICK ? ? ? 
hydrog10 hydrog ? ? A DC 4  O2 ? ? ? 1_555 A DG 7  N2 ? ? A DC 4  A DG 7  11_555 ? ? ? ? ? ? WATSON-CRICK ? ? ? 
hydrog11 hydrog ? ? A DG 5  N1 ? ? ? 1_555 A DC 6  N3 ? ? A DG 5  A DC 6  11_555 ? ? ? ? ? ? WATSON-CRICK ? ? ? 
hydrog12 hydrog ? ? A DG 5  N2 ? ? ? 1_555 A DC 6  O2 ? ? A DG 5  A DC 6  11_555 ? ? ? ? ? ? WATSON-CRICK ? ? ? 
hydrog13 hydrog ? ? A DG 5  O6 ? ? ? 1_555 A DC 6  N4 ? ? A DG 5  A DC 6  11_555 ? ? ? ? ? ? WATSON-CRICK ? ? ? 
hydrog14 hydrog ? ? A DC 6  N3 ? ? ? 1_555 A DG 5  N1 ? ? A DC 6  A DG 5  11_555 ? ? ? ? ? ? WATSON-CRICK ? ? ? 
hydrog15 hydrog ? ? A DC 6  N4 ? ? ? 1_555 A DG 5  O6 ? ? A DC 6  A DG 5  11_555 ? ? ? ? ? ? WATSON-CRICK ? ? ? 
hydrog16 hydrog ? ? A DC 6  O2 ? ? ? 1_555 A DG 5  N2 ? ? A DC 6  A DG 5  11_555 ? ? ? ? ? ? WATSON-CRICK ? ? ? 
hydrog17 hydrog ? ? A DG 7  N1 ? ? ? 1_555 A DC 4  N3 ? ? A DG 7  A DC 4  11_555 ? ? ? ? ? ? WATSON-CRICK ? ? ? 
hydrog18 hydrog ? ? A DG 7  N2 ? ? ? 1_555 A DC 4  O2 ? ? A DG 7  A DC 4  11_555 ? ? ? ? ? ? WATSON-CRICK ? ? ? 
hydrog19 hydrog ? ? A DG 7  O6 ? ? ? 1_555 A DC 4  N4 ? ? A DG 7  A DC 4  11_555 ? ? ? ? ? ? WATSON-CRICK ? ? ? 
hydrog20 hydrog ? ? A DT 8  N3 ? ? ? 1_555 A DA 3  N1 ? ? A DT 8  A DA 3  11_555 ? ? ? ? ? ? WATSON-CRICK ? ? ? 
hydrog21 hydrog ? ? A DT 8  O4 ? ? ? 1_555 A DA 3  N6 ? ? A DT 8  A DA 3  11_555 ? ? ? ? ? ? WATSON-CRICK ? ? ? 
hydrog22 hydrog ? ? A DA 9  N1 ? ? ? 1_555 A DT 2  N3 ? ? A DA 9  A DT 2  11_555 ? ? ? ? ? ? WATSON-CRICK ? ? ? 
hydrog23 hydrog ? ? A DA 9  N6 ? ? ? 1_555 A DT 2  O4 ? ? A DA 9  A DT 2  11_555 ? ? ? ? ? ? WATSON-CRICK ? ? ? 
hydrog24 hydrog ? ? A DC 10 N3 ? ? ? 1_555 A DG 1  N1 ? ? A DC 10 A DG 1  11_555 ? ? ? ? ? ? WATSON-CRICK ? ? ? 
hydrog25 hydrog ? ? A DC 10 N4 ? ? ? 1_555 A DG 1  O6 ? ? A DC 10 A DG 1  11_555 ? ? ? ? ? ? WATSON-CRICK ? ? ? 
hydrog26 hydrog ? ? A DC 10 O2 ? ? ? 1_555 A DG 1  N2 ? ? A DC 10 A DG 1  11_555 ? ? ? ? ? ? WATSON-CRICK ? ? ? 
# 
_struct_conn_type.id          hydrog 
_struct_conn_type.criteria    ? 
_struct_conn_type.reference   ? 
# 
loop_
_pdbx_validate_close_contact.id 
_pdbx_validate_close_contact.PDB_model_num 
_pdbx_validate_close_contact.auth_atom_id_1 
_pdbx_validate_close_contact.auth_asym_id_1 
_pdbx_validate_close_contact.auth_comp_id_1 
_pdbx_validate_close_contact.auth_seq_id_1 
_pdbx_validate_close_contact.PDB_ins_code_1 
_pdbx_validate_close_contact.label_alt_id_1 
_pdbx_validate_close_contact.auth_atom_id_2 
_pdbx_validate_close_contact.auth_asym_id_2 
_pdbx_validate_close_contact.auth_comp_id_2 
_pdbx_validate_close_contact.auth_seq_id_2 
_pdbx_validate_close_contact.PDB_ins_code_2 
_pdbx_validate_close_contact.label_alt_id_2 
_pdbx_validate_close_contact.dist 
1 1 O A HOH 113 ? ? O A HOH 115 ? ? 1.99 
2 1 O A HOH 126 ? ? O A HOH 138 ? ? 2.12 
# 
loop_
_pdbx_validate_rmsd_bond.id 
_pdbx_validate_rmsd_bond.PDB_model_num 
_pdbx_validate_rmsd_bond.auth_atom_id_1 
_pdbx_validate_rmsd_bond.auth_asym_id_1 
_pdbx_validate_rmsd_bond.auth_comp_id_1 
_pdbx_validate_rmsd_bond.auth_seq_id_1 
_pdbx_validate_rmsd_bond.PDB_ins_code_1 
_pdbx_validate_rmsd_bond.label_alt_id_1 
_pdbx_validate_rmsd_bond.auth_atom_id_2 
_pdbx_validate_rmsd_bond.auth_asym_id_2 
_pdbx_validate_rmsd_bond.auth_comp_id_2 
_pdbx_validate_rmsd_bond.auth_seq_id_2 
_pdbx_validate_rmsd_bond.PDB_ins_code_2 
_pdbx_validate_rmsd_bond.label_alt_id_2 
_pdbx_validate_rmsd_bond.bond_value 
_pdbx_validate_rmsd_bond.bond_target_value 
_pdbx_validate_rmsd_bond.bond_deviation 
_pdbx_validate_rmsd_bond.bond_standard_deviation 
_pdbx_validate_rmsd_bond.linker_flag 
1  1 C5    A DG 1 ? ? N7    A DG 1 ? ? 1.452 1.388 0.064  0.006 N 
2  1 C4    A DA 3 ? ? C5    A DA 3 ? ? 1.306 1.383 -0.077 0.007 N 
3  1 C6    A DA 3 ? ? N1    A DA 3 ? ? 1.300 1.351 -0.051 0.007 N 
4  1 C5    A DA 3 ? ? N7    A DA 3 ? ? 1.433 1.388 0.045  0.006 N 
5  1 "C4'" A DC 6 ? ? "C3'" A DC 6 ? ? 1.420 1.521 -0.101 0.010 N 
6  1 "C3'" A DC 6 ? ? "C2'" A DC 6 ? ? 1.468 1.516 -0.048 0.008 N 
7  1 N1    A DG 7 ? ? C2    A DG 7 ? ? 1.430 1.373 0.057  0.008 N 
8  1 C4    A DG 7 ? ? C5    A DG 7 ? ? 1.431 1.379 0.052  0.007 N 
9  1 "C4'" A DT 8 ? ? "C3'" A DT 8 ? ? 1.444 1.521 -0.077 0.010 N 
10 1 N9    A DA 9 ? ? C4    A DA 9 ? ? 1.332 1.374 -0.042 0.006 N 
11 1 C6    A DA 9 ? ? N6    A DA 9 ? ? 1.279 1.335 -0.056 0.008 N 
# 
loop_
_pdbx_validate_rmsd_angle.id 
_pdbx_validate_rmsd_angle.PDB_model_num 
_pdbx_validate_rmsd_angle.auth_atom_id_1 
_pdbx_validate_rmsd_angle.auth_asym_id_1 
_pdbx_validate_rmsd_angle.auth_comp_id_1 
_pdbx_validate_rmsd_angle.auth_seq_id_1 
_pdbx_validate_rmsd_angle.PDB_ins_code_1 
_pdbx_validate_rmsd_angle.label_alt_id_1 
_pdbx_validate_rmsd_angle.auth_atom_id_2 
_pdbx_validate_rmsd_angle.auth_asym_id_2 
_pdbx_validate_rmsd_angle.auth_comp_id_2 
_pdbx_validate_rmsd_angle.auth_seq_id_2 
_pdbx_validate_rmsd_angle.PDB_ins_code_2 
_pdbx_validate_rmsd_angle.label_alt_id_2 
_pdbx_validate_rmsd_angle.auth_atom_id_3 
_pdbx_validate_rmsd_angle.auth_asym_id_3 
_pdbx_validate_rmsd_angle.auth_comp_id_3 
_pdbx_validate_rmsd_angle.auth_seq_id_3 
_pdbx_validate_rmsd_angle.PDB_ins_code_3 
_pdbx_validate_rmsd_angle.label_alt_id_3 
_pdbx_validate_rmsd_angle.angle_value 
_pdbx_validate_rmsd_angle.angle_target_value 
_pdbx_validate_rmsd_angle.angle_deviation 
_pdbx_validate_rmsd_angle.angle_standard_deviation 
_pdbx_validate_rmsd_angle.linker_flag 
1  1 "C4'" A DG 1  ? ? "C3'" A DG 1  ? ? "C2'" A DG 1  ? ? 96.97  102.20 -5.23  0.70 N 
2  1 "O4'" A DG 1  ? ? "C1'" A DG 1  ? ? N9    A DG 1  ? ? 110.74 108.30 2.44   0.30 N 
3  1 C5    A DG 1  ? ? N7    A DG 1  ? ? C8    A DG 1  ? ? 100.61 104.30 -3.69  0.50 N 
4  1 N7    A DG 1  ? ? C8    A DG 1  ? ? N9    A DG 1  ? ? 117.31 113.10 4.21   0.50 N 
5  1 "C4'" A DT 2  ? ? "C3'" A DT 2  ? ? "C2'" A DT 2  ? ? 95.08  102.20 -7.12  0.70 N 
6  1 N1    A DT 2  ? ? C2    A DT 2  ? ? N3    A DT 2  ? ? 110.60 114.60 -4.00  0.60 N 
7  1 C6    A DT 2  ? ? C5    A DT 2  ? ? C7    A DT 2  ? ? 118.42 122.90 -4.49  0.60 N 
8  1 "C4'" A DA 3  ? ? "C3'" A DA 3  ? ? "C2'" A DA 3  ? ? 96.46  102.20 -5.74  0.70 N 
9  1 "O4'" A DA 3  ? ? "C1'" A DA 3  ? ? N9    A DA 3  ? ? 111.18 108.30 2.88   0.30 N 
10 1 C2    A DA 3  ? ? N3    A DA 3  ? ? C4    A DA 3  ? ? 107.47 110.60 -3.13  0.50 N 
11 1 C5    A DA 3  ? ? N7    A DA 3  ? ? C8    A DA 3  ? ? 100.64 103.90 -3.26  0.50 N 
12 1 "O4'" A DC 4  ? ? "C1'" A DC 4  ? ? N1    A DC 4  ? ? 115.04 108.30 6.74   0.30 N 
13 1 "O3'" A DC 4  ? ? P     A DG 5  ? ? OP2   A DG 5  ? ? 135.43 110.50 24.93  1.10 Y 
14 1 "O3'" A DC 4  ? ? P     A DG 5  ? ? OP1   A DG 5  ? ? 83.50  105.20 -21.70 2.20 Y 
15 1 "O3'" A DG 5  ? ? P     A DC 6  ? ? OP2   A DC 6  ? ? 132.90 110.50 22.40  1.10 Y 
16 1 "O3'" A DG 5  ? ? P     A DC 6  ? ? OP1   A DC 6  ? ? 85.05  105.20 -20.15 2.20 Y 
17 1 N3    A DC 6  ? ? C4    A DC 6  ? ? C5    A DC 6  ? ? 119.44 121.90 -2.46  0.40 N 
18 1 "O3'" A DC 6  ? ? P     A DG 7  ? ? OP1   A DG 7  ? ? 91.30  105.20 -13.90 2.20 Y 
19 1 "O5'" A DG 7  ? ? "C5'" A DG 7  ? ? "C4'" A DG 7  ? ? 104.48 109.40 -4.92  0.80 N 
20 1 "O4'" A DT 8  ? ? "C1'" A DT 8  ? ? N1    A DT 8  ? ? 111.46 108.30 3.16   0.30 N 
21 1 C6    A DT 8  ? ? C5    A DT 8  ? ? C7    A DT 8  ? ? 118.42 122.90 -4.48  0.60 N 
22 1 "O3'" A DT 8  ? ? P     A DA 9  ? ? "O5'" A DA 9  ? ? 116.35 104.00 12.35  1.90 Y 
23 1 "O4'" A DA 9  ? ? "C1'" A DA 9  ? ? N9    A DA 9  ? ? 110.80 108.30 2.50   0.30 N 
24 1 "O4'" A DC 10 ? ? "C1'" A DC 10 ? ? N1    A DC 10 ? ? 113.79 108.30 5.49   0.30 N 
25 1 N1    A DC 10 ? ? C2    A DC 10 ? ? O2    A DC 10 ? ? 122.98 118.90 4.08   0.60 N 
26 1 N3    A DC 10 ? ? C2    A DC 10 ? ? O2    A DC 10 ? ? 116.47 121.90 -5.43  0.70 N 
# 
loop_
_pdbx_validate_planes.id 
_pdbx_validate_planes.PDB_model_num 
_pdbx_validate_planes.auth_comp_id 
_pdbx_validate_planes.auth_asym_id 
_pdbx_validate_planes.auth_seq_id 
_pdbx_validate_planes.PDB_ins_code 
_pdbx_validate_planes.label_alt_id 
_pdbx_validate_planes.rmsd 
_pdbx_validate_planes.type 
1 1 DT A 2  ? ? 0.078 'SIDE CHAIN' 
2 1 DA A 3  ? ? 0.069 'SIDE CHAIN' 
3 1 DC A 4  ? ? 0.054 'SIDE CHAIN' 
4 1 DG A 5  ? ? 0.059 'SIDE CHAIN' 
5 1 DC A 6  ? ? 0.080 'SIDE CHAIN' 
6 1 DT A 8  ? ? 0.084 'SIDE CHAIN' 
7 1 DA A 9  ? ? 0.082 'SIDE CHAIN' 
8 1 DC A 10 ? ? 0.078 'SIDE CHAIN' 
# 
loop_
_pdbx_struct_special_symmetry.id 
_pdbx_struct_special_symmetry.PDB_model_num 
_pdbx_struct_special_symmetry.auth_asym_id 
_pdbx_struct_special_symmetry.auth_comp_id 
_pdbx_struct_special_symmetry.auth_seq_id 
_pdbx_struct_special_symmetry.PDB_ins_code 
_pdbx_struct_special_symmetry.label_asym_id 
_pdbx_struct_special_symmetry.label_comp_id 
_pdbx_struct_special_symmetry.label_seq_id 
1 1 A HOH 106 ? B HOH . 
2 1 A HOH 122 ? B HOH . 
# 
loop_
_chem_comp_atom.comp_id 
_chem_comp_atom.atom_id 
_chem_comp_atom.type_symbol 
_chem_comp_atom.pdbx_aromatic_flag 
_chem_comp_atom.pdbx_stereo_config 
_chem_comp_atom.pdbx_ordinal 
DA  OP3    O N N 1   
DA  P      P N N 2   
DA  OP1    O N N 3   
DA  OP2    O N N 4   
DA  "O5'"  O N N 5   
DA  "C5'"  C N N 6   
DA  "C4'"  C N R 7   
DA  "O4'"  O N N 8   
DA  "C3'"  C N S 9   
DA  "O3'"  O N N 10  
DA  "C2'"  C N N 11  
DA  "C1'"  C N R 12  
DA  N9     N Y N 13  
DA  C8     C Y N 14  
DA  N7     N Y N 15  
DA  C5     C Y N 16  
DA  C6     C Y N 17  
DA  N6     N N N 18  
DA  N1     N Y N 19  
DA  C2     C Y N 20  
DA  N3     N Y N 21  
DA  C4     C Y N 22  
DA  HOP3   H N N 23  
DA  HOP2   H N N 24  
DA  "H5'"  H N N 25  
DA  "H5''" H N N 26  
DA  "H4'"  H N N 27  
DA  "H3'"  H N N 28  
DA  "HO3'" H N N 29  
DA  "H2'"  H N N 30  
DA  "H2''" H N N 31  
DA  "H1'"  H N N 32  
DA  H8     H N N 33  
DA  H61    H N N 34  
DA  H62    H N N 35  
DA  H2     H N N 36  
DC  OP3    O N N 37  
DC  P      P N N 38  
DC  OP1    O N N 39  
DC  OP2    O N N 40  
DC  "O5'"  O N N 41  
DC  "C5'"  C N N 42  
DC  "C4'"  C N R 43  
DC  "O4'"  O N N 44  
DC  "C3'"  C N S 45  
DC  "O3'"  O N N 46  
DC  "C2'"  C N N 47  
DC  "C1'"  C N R 48  
DC  N1     N N N 49  
DC  C2     C N N 50  
DC  O2     O N N 51  
DC  N3     N N N 52  
DC  C4     C N N 53  
DC  N4     N N N 54  
DC  C5     C N N 55  
DC  C6     C N N 56  
DC  HOP3   H N N 57  
DC  HOP2   H N N 58  
DC  "H5'"  H N N 59  
DC  "H5''" H N N 60  
DC  "H4'"  H N N 61  
DC  "H3'"  H N N 62  
DC  "HO3'" H N N 63  
DC  "H2'"  H N N 64  
DC  "H2''" H N N 65  
DC  "H1'"  H N N 66  
DC  H41    H N N 67  
DC  H42    H N N 68  
DC  H5     H N N 69  
DC  H6     H N N 70  
DG  OP3    O N N 71  
DG  P      P N N 72  
DG  OP1    O N N 73  
DG  OP2    O N N 74  
DG  "O5'"  O N N 75  
DG  "C5'"  C N N 76  
DG  "C4'"  C N R 77  
DG  "O4'"  O N N 78  
DG  "C3'"  C N S 79  
DG  "O3'"  O N N 80  
DG  "C2'"  C N N 81  
DG  "C1'"  C N R 82  
DG  N9     N Y N 83  
DG  C8     C Y N 84  
DG  N7     N Y N 85  
DG  C5     C Y N 86  
DG  C6     C N N 87  
DG  O6     O N N 88  
DG  N1     N N N 89  
DG  C2     C N N 90  
DG  N2     N N N 91  
DG  N3     N N N 92  
DG  C4     C Y N 93  
DG  HOP3   H N N 94  
DG  HOP2   H N N 95  
DG  "H5'"  H N N 96  
DG  "H5''" H N N 97  
DG  "H4'"  H N N 98  
DG  "H3'"  H N N 99  
DG  "HO3'" H N N 100 
DG  "H2'"  H N N 101 
DG  "H2''" H N N 102 
DG  "H1'"  H N N 103 
DG  H8     H N N 104 
DG  H1     H N N 105 
DG  H21    H N N 106 
DG  H22    H N N 107 
DT  OP3    O N N 108 
DT  P      P N N 109 
DT  OP1    O N N 110 
DT  OP2    O N N 111 
DT  "O5'"  O N N 112 
DT  "C5'"  C N N 113 
DT  "C4'"  C N R 114 
DT  "O4'"  O N N 115 
DT  "C3'"  C N S 116 
DT  "O3'"  O N N 117 
DT  "C2'"  C N N 118 
DT  "C1'"  C N R 119 
DT  N1     N N N 120 
DT  C2     C N N 121 
DT  O2     O N N 122 
DT  N3     N N N 123 
DT  C4     C N N 124 
DT  O4     O N N 125 
DT  C5     C N N 126 
DT  C7     C N N 127 
DT  C6     C N N 128 
DT  HOP3   H N N 129 
DT  HOP2   H N N 130 
DT  "H5'"  H N N 131 
DT  "H5''" H N N 132 
DT  "H4'"  H N N 133 
DT  "H3'"  H N N 134 
DT  "HO3'" H N N 135 
DT  "H2'"  H N N 136 
DT  "H2''" H N N 137 
DT  "H1'"  H N N 138 
DT  H3     H N N 139 
DT  H71    H N N 140 
DT  H72    H N N 141 
DT  H73    H N N 142 
DT  H6     H N N 143 
HOH O      O N N 144 
HOH H1     H N N 145 
HOH H2     H N N 146 
# 
loop_
_chem_comp_bond.comp_id 
_chem_comp_bond.atom_id_1 
_chem_comp_bond.atom_id_2 
_chem_comp_bond.value_order 
_chem_comp_bond.pdbx_aromatic_flag 
_chem_comp_bond.pdbx_stereo_config 
_chem_comp_bond.pdbx_ordinal 
DA  OP3   P      sing N N 1   
DA  OP3   HOP3   sing N N 2   
DA  P     OP1    doub N N 3   
DA  P     OP2    sing N N 4   
DA  P     "O5'"  sing N N 5   
DA  OP2   HOP2   sing N N 6   
DA  "O5'" "C5'"  sing N N 7   
DA  "C5'" "C4'"  sing N N 8   
DA  "C5'" "H5'"  sing N N 9   
DA  "C5'" "H5''" sing N N 10  
DA  "C4'" "O4'"  sing N N 11  
DA  "C4'" "C3'"  sing N N 12  
DA  "C4'" "H4'"  sing N N 13  
DA  "O4'" "C1'"  sing N N 14  
DA  "C3'" "O3'"  sing N N 15  
DA  "C3'" "C2'"  sing N N 16  
DA  "C3'" "H3'"  sing N N 17  
DA  "O3'" "HO3'" sing N N 18  
DA  "C2'" "C1'"  sing N N 19  
DA  "C2'" "H2'"  sing N N 20  
DA  "C2'" "H2''" sing N N 21  
DA  "C1'" N9     sing N N 22  
DA  "C1'" "H1'"  sing N N 23  
DA  N9    C8     sing Y N 24  
DA  N9    C4     sing Y N 25  
DA  C8    N7     doub Y N 26  
DA  C8    H8     sing N N 27  
DA  N7    C5     sing Y N 28  
DA  C5    C6     sing Y N 29  
DA  C5    C4     doub Y N 30  
DA  C6    N6     sing N N 31  
DA  C6    N1     doub Y N 32  
DA  N6    H61    sing N N 33  
DA  N6    H62    sing N N 34  
DA  N1    C2     sing Y N 35  
DA  C2    N3     doub Y N 36  
DA  C2    H2     sing N N 37  
DA  N3    C4     sing Y N 38  
DC  OP3   P      sing N N 39  
DC  OP3   HOP3   sing N N 40  
DC  P     OP1    doub N N 41  
DC  P     OP2    sing N N 42  
DC  P     "O5'"  sing N N 43  
DC  OP2   HOP2   sing N N 44  
DC  "O5'" "C5'"  sing N N 45  
DC  "C5'" "C4'"  sing N N 46  
DC  "C5'" "H5'"  sing N N 47  
DC  "C5'" "H5''" sing N N 48  
DC  "C4'" "O4'"  sing N N 49  
DC  "C4'" "C3'"  sing N N 50  
DC  "C4'" "H4'"  sing N N 51  
DC  "O4'" "C1'"  sing N N 52  
DC  "C3'" "O3'"  sing N N 53  
DC  "C3'" "C2'"  sing N N 54  
DC  "C3'" "H3'"  sing N N 55  
DC  "O3'" "HO3'" sing N N 56  
DC  "C2'" "C1'"  sing N N 57  
DC  "C2'" "H2'"  sing N N 58  
DC  "C2'" "H2''" sing N N 59  
DC  "C1'" N1     sing N N 60  
DC  "C1'" "H1'"  sing N N 61  
DC  N1    C2     sing N N 62  
DC  N1    C6     sing N N 63  
DC  C2    O2     doub N N 64  
DC  C2    N3     sing N N 65  
DC  N3    C4     doub N N 66  
DC  C4    N4     sing N N 67  
DC  C4    C5     sing N N 68  
DC  N4    H41    sing N N 69  
DC  N4    H42    sing N N 70  
DC  C5    C6     doub N N 71  
DC  C5    H5     sing N N 72  
DC  C6    H6     sing N N 73  
DG  OP3   P      sing N N 74  
DG  OP3   HOP3   sing N N 75  
DG  P     OP1    doub N N 76  
DG  P     OP2    sing N N 77  
DG  P     "O5'"  sing N N 78  
DG  OP2   HOP2   sing N N 79  
DG  "O5'" "C5'"  sing N N 80  
DG  "C5'" "C4'"  sing N N 81  
DG  "C5'" "H5'"  sing N N 82  
DG  "C5'" "H5''" sing N N 83  
DG  "C4'" "O4'"  sing N N 84  
DG  "C4'" "C3'"  sing N N 85  
DG  "C4'" "H4'"  sing N N 86  
DG  "O4'" "C1'"  sing N N 87  
DG  "C3'" "O3'"  sing N N 88  
DG  "C3'" "C2'"  sing N N 89  
DG  "C3'" "H3'"  sing N N 90  
DG  "O3'" "HO3'" sing N N 91  
DG  "C2'" "C1'"  sing N N 92  
DG  "C2'" "H2'"  sing N N 93  
DG  "C2'" "H2''" sing N N 94  
DG  "C1'" N9     sing N N 95  
DG  "C1'" "H1'"  sing N N 96  
DG  N9    C8     sing Y N 97  
DG  N9    C4     sing Y N 98  
DG  C8    N7     doub Y N 99  
DG  C8    H8     sing N N 100 
DG  N7    C5     sing Y N 101 
DG  C5    C6     sing N N 102 
DG  C5    C4     doub Y N 103 
DG  C6    O6     doub N N 104 
DG  C6    N1     sing N N 105 
DG  N1    C2     sing N N 106 
DG  N1    H1     sing N N 107 
DG  C2    N2     sing N N 108 
DG  C2    N3     doub N N 109 
DG  N2    H21    sing N N 110 
DG  N2    H22    sing N N 111 
DG  N3    C4     sing N N 112 
DT  OP3   P      sing N N 113 
DT  OP3   HOP3   sing N N 114 
DT  P     OP1    doub N N 115 
DT  P     OP2    sing N N 116 
DT  P     "O5'"  sing N N 117 
DT  OP2   HOP2   sing N N 118 
DT  "O5'" "C5'"  sing N N 119 
DT  "C5'" "C4'"  sing N N 120 
DT  "C5'" "H5'"  sing N N 121 
DT  "C5'" "H5''" sing N N 122 
DT  "C4'" "O4'"  sing N N 123 
DT  "C4'" "C3'"  sing N N 124 
DT  "C4'" "H4'"  sing N N 125 
DT  "O4'" "C1'"  sing N N 126 
DT  "C3'" "O3'"  sing N N 127 
DT  "C3'" "C2'"  sing N N 128 
DT  "C3'" "H3'"  sing N N 129 
DT  "O3'" "HO3'" sing N N 130 
DT  "C2'" "C1'"  sing N N 131 
DT  "C2'" "H2'"  sing N N 132 
DT  "C2'" "H2''" sing N N 133 
DT  "C1'" N1     sing N N 134 
DT  "C1'" "H1'"  sing N N 135 
DT  N1    C2     sing N N 136 
DT  N1    C6     sing N N 137 
DT  C2    O2     doub N N 138 
DT  C2    N3     sing N N 139 
DT  N3    C4     sing N N 140 
DT  N3    H3     sing N N 141 
DT  C4    O4     doub N N 142 
DT  C4    C5     sing N N 143 
DT  C5    C7     sing N N 144 
DT  C5    C6     doub N N 145 
DT  C7    H71    sing N N 146 
DT  C7    H72    sing N N 147 
DT  C7    H73    sing N N 148 
DT  C6    H6     sing N N 149 
HOH O     H1     sing N N 150 
HOH O     H2     sing N N 151 
# 
_ndb_struct_conf_na.entry_id   395D 
_ndb_struct_conf_na.feature    'a-form double helix' 
# 
loop_
_ndb_struct_na_base_pair.model_number 
_ndb_struct_na_base_pair.i_label_asym_id 
_ndb_struct_na_base_pair.i_label_comp_id 
_ndb_struct_na_base_pair.i_label_seq_id 
_ndb_struct_na_base_pair.i_symmetry 
_ndb_struct_na_base_pair.j_label_asym_id 
_ndb_struct_na_base_pair.j_label_comp_id 
_ndb_struct_na_base_pair.j_label_seq_id 
_ndb_struct_na_base_pair.j_symmetry 
_ndb_struct_na_base_pair.shear 
_ndb_struct_na_base_pair.stretch 
_ndb_struct_na_base_pair.stagger 
_ndb_struct_na_base_pair.buckle 
_ndb_struct_na_base_pair.propeller 
_ndb_struct_na_base_pair.opening 
_ndb_struct_na_base_pair.pair_number 
_ndb_struct_na_base_pair.pair_name 
_ndb_struct_na_base_pair.i_auth_asym_id 
_ndb_struct_na_base_pair.i_auth_seq_id 
_ndb_struct_na_base_pair.i_PDB_ins_code 
_ndb_struct_na_base_pair.j_auth_asym_id 
_ndb_struct_na_base_pair.j_auth_seq_id 
_ndb_struct_na_base_pair.j_PDB_ins_code 
_ndb_struct_na_base_pair.hbond_type_28 
_ndb_struct_na_base_pair.hbond_type_12 
1 A DG 1  1_555 A DC 10 11_555 -0.246 -0.269 -0.426 -11.409 -4.951  -0.780 1  A_DG1:DC10_A A 1  ? A 10 ? 19 1 
1 A DT 2  1_555 A DA 9  11_555 -0.314 -0.174 -0.072 -0.250  -8.360  6.379  2  A_DT2:DA9_A  A 2  ? A 9  ? 20 1 
1 A DA 3  1_555 A DT 8  11_555 -0.068 -0.239 0.039  2.124   -10.655 7.034  3  A_DA3:DT8_A  A 3  ? A 8  ? 20 1 
1 A DC 4  1_555 A DG 7  11_555 -0.080 -0.123 0.018  8.134   -10.847 0.062  4  A_DC4:DG7_A  A 4  ? A 7  ? 19 1 
1 A DG 5  1_555 A DC 6  11_555 -0.142 -0.315 0.059  -2.115  -15.177 -1.664 5  A_DG5:DC6_A  A 5  ? A 6  ? 19 1 
1 A DC 6  1_555 A DG 5  11_555 0.142  -0.315 0.059  2.115   -15.178 -1.664 6  A_DC6:DG5_A  A 6  ? A 5  ? 19 1 
1 A DG 7  1_555 A DC 4  11_555 0.080  -0.123 0.018  -8.134  -10.847 0.062  7  A_DG7:DC4_A  A 7  ? A 4  ? 19 1 
1 A DT 8  1_555 A DA 3  11_555 0.068  -0.239 0.039  -2.124  -10.655 7.034  8  A_DT8:DA3_A  A 8  ? A 3  ? 20 1 
1 A DA 9  1_555 A DT 2  11_555 0.314  -0.174 -0.072 0.250   -8.360  6.379  9  A_DA9:DT2_A  A 9  ? A 2  ? 20 1 
1 A DC 10 1_555 A DG 1  11_555 0.246  -0.269 -0.426 11.409  -4.951  -0.780 10 A_DC10:DG1_A A 10 ? A 1  ? 19 1 
# 
loop_
_ndb_struct_na_base_pair_step.model_number 
_ndb_struct_na_base_pair_step.i_label_asym_id_1 
_ndb_struct_na_base_pair_step.i_label_comp_id_1 
_ndb_struct_na_base_pair_step.i_label_seq_id_1 
_ndb_struct_na_base_pair_step.i_symmetry_1 
_ndb_struct_na_base_pair_step.j_label_asym_id_1 
_ndb_struct_na_base_pair_step.j_label_comp_id_1 
_ndb_struct_na_base_pair_step.j_label_seq_id_1 
_ndb_struct_na_base_pair_step.j_symmetry_1 
_ndb_struct_na_base_pair_step.i_label_asym_id_2 
_ndb_struct_na_base_pair_step.i_label_comp_id_2 
_ndb_struct_na_base_pair_step.i_label_seq_id_2 
_ndb_struct_na_base_pair_step.i_symmetry_2 
_ndb_struct_na_base_pair_step.j_label_asym_id_2 
_ndb_struct_na_base_pair_step.j_label_comp_id_2 
_ndb_struct_na_base_pair_step.j_label_seq_id_2 
_ndb_struct_na_base_pair_step.j_symmetry_2 
_ndb_struct_na_base_pair_step.shift 
_ndb_struct_na_base_pair_step.slide 
_ndb_struct_na_base_pair_step.rise 
_ndb_struct_na_base_pair_step.tilt 
_ndb_struct_na_base_pair_step.roll 
_ndb_struct_na_base_pair_step.twist 
_ndb_struct_na_base_pair_step.x_displacement 
_ndb_struct_na_base_pair_step.y_displacement 
_ndb_struct_na_base_pair_step.helical_rise 
_ndb_struct_na_base_pair_step.inclination 
_ndb_struct_na_base_pair_step.tip 
_ndb_struct_na_base_pair_step.helical_twist 
_ndb_struct_na_base_pair_step.step_number 
_ndb_struct_na_base_pair_step.step_name 
_ndb_struct_na_base_pair_step.i_auth_asym_id_1 
_ndb_struct_na_base_pair_step.i_auth_seq_id_1 
_ndb_struct_na_base_pair_step.i_PDB_ins_code_1 
_ndb_struct_na_base_pair_step.j_auth_asym_id_1 
_ndb_struct_na_base_pair_step.j_auth_seq_id_1 
_ndb_struct_na_base_pair_step.j_PDB_ins_code_1 
_ndb_struct_na_base_pair_step.i_auth_asym_id_2 
_ndb_struct_na_base_pair_step.i_auth_seq_id_2 
_ndb_struct_na_base_pair_step.i_PDB_ins_code_2 
_ndb_struct_na_base_pair_step.j_auth_asym_id_2 
_ndb_struct_na_base_pair_step.j_auth_seq_id_2 
_ndb_struct_na_base_pair_step.j_PDB_ins_code_2 
1 A DG 1 1_555 A DC 10 11_555 A DT 2  1_555 A DA 9 11_555 0.129  -0.965 3.154 -1.108 5.721  30.504 -2.832 -0.440 2.923 10.749 
2.082  31.043 1 AA_DG1DT2:DA9DC10_AA A 1 ? A 10 ? A 2  ? A 9 ? 
1 A DT 2 1_555 A DA 9  11_555 A DA 3  1_555 A DT 8 11_555 0.128  -0.966 3.312 0.527  10.160 28.819 -3.784 -0.143 2.819 19.657 
-1.019 30.527 2 AA_DT2DA3:DT8DA9_AA  A 2 ? A 9  ? A 3  ? A 8 ? 
1 A DA 3 1_555 A DT 8  11_555 A DC 4  1_555 A DG 7 11_555 -0.142 -1.210 3.229 -1.930 8.047  32.420 -3.362 -0.055 2.859 14.127 
3.388  33.432 3 AA_DA3DC4:DG7DT8_AA  A 3 ? A 8  ? A 4  ? A 7 ? 
1 A DC 4 1_555 A DG 7  11_555 A DG 5  1_555 A DC 6 11_555 -0.680 -1.687 3.536 -2.484 12.902 29.657 -5.275 0.787  2.639 23.790 
4.581  32.377 4 AA_DC4DG5:DC6DG7_AA  A 4 ? A 7  ? A 5  ? A 6 ? 
1 A DG 5 1_555 A DC 6  11_555 A DC 6  1_555 A DG 5 11_555 0.000  -1.589 3.085 0.000  14.496 34.362 -4.132 0.000  2.257 23.294 
0.000  37.210 5 AA_DG5DC6:DG5DC6_AA  A 5 ? A 6  ? A 6  ? A 5 ? 
1 A DC 6 1_555 A DG 5  11_555 A DG 7  1_555 A DC 4 11_555 0.680  -1.687 3.536 2.484  12.902 29.657 -5.275 -0.787 2.639 23.790 
-4.581 32.377 6 AA_DC6DG7:DC4DG5_AA  A 6 ? A 5  ? A 7  ? A 4 ? 
1 A DG 7 1_555 A DC 4  11_555 A DT 8  1_555 A DA 3 11_555 0.142  -1.210 3.229 1.930  8.047  32.420 -3.362 0.055  2.859 14.127 
-3.388 33.432 7 AA_DG7DT8:DA3DC4_AA  A 7 ? A 4  ? A 8  ? A 3 ? 
1 A DT 8 1_555 A DA 3  11_555 A DA 9  1_555 A DT 2 11_555 -0.128 -0.966 3.312 -0.527 10.160 28.819 -3.784 0.143  2.819 19.657 
1.019  30.527 8 AA_DT8DA9:DT2DA3_AA  A 8 ? A 3  ? A 9  ? A 2 ? 
1 A DA 9 1_555 A DT 2  11_555 A DC 10 1_555 A DG 1 11_555 -0.129 -0.965 3.154 1.108  5.721  30.504 -2.832 0.440  2.923 10.749 
-2.082 31.043 9 AA_DA9DC10:DG1DT2_AA A 9 ? A 2  ? A 10 ? A 1 ? 
# 
_atom_sites.entry_id                    395D 
_atom_sites.fract_transf_matrix[1][1]   -0.01402829 
_atom_sites.fract_transf_matrix[1][2]   -0.02537114 
_atom_sites.fract_transf_matrix[1][3]   0.00495485 
_atom_sites.fract_transf_matrix[2][1]   -0.02603343 
_atom_sites.fract_transf_matrix[2][2]   -0.00513169 
_atom_sites.fract_transf_matrix[2][3]   -0.01268826 
_atom_sites.fract_transf_matrix[3][1]   0.00596714 
_atom_sites.fract_transf_matrix[3][2]   -0.00527384 
_atom_sites.fract_transf_matrix[3][3]   -0.01011023 
_atom_sites.fract_transf_vector[1]      0.481163 
_atom_sites.fract_transf_vector[2]      0.851203 
_atom_sites.fract_transf_vector[3]      0.263195 
# 
loop_
_atom_type.symbol 
C 
N 
O 
P 
# 
loop_
_atom_site.group_PDB 
_atom_site.id 
_atom_site.type_symbol 
_atom_site.label_atom_id 
_atom_site.label_alt_id 
_atom_site.label_comp_id 
_atom_site.label_asym_id 
_atom_site.label_entity_id 
_atom_site.label_seq_id 
_atom_site.pdbx_PDB_ins_code 
_atom_site.Cartn_x 
_atom_site.Cartn_y 
_atom_site.Cartn_z 
_atom_site.occupancy 
_atom_site.B_iso_or_equiv 
_atom_site.pdbx_formal_charge 
_atom_site.auth_seq_id 
_atom_site.auth_comp_id 
_atom_site.auth_asym_id 
_atom_site.auth_atom_id 
_atom_site.pdbx_PDB_model_num 
ATOM   1   O "O5'" . DG  A 1 1  ? 6.441  13.083  1.843   1.00 50.39 ? 1   DG  A "O5'" 1 
ATOM   2   C "C5'" . DG  A 1 1  ? 7.424  13.406  2.848   1.00 40.91 ? 1   DG  A "C5'" 1 
ATOM   3   C "C4'" . DG  A 1 1  ? 6.875  13.350  4.234   1.00 39.07 ? 1   DG  A "C4'" 1 
ATOM   4   O "O4'" . DG  A 1 1  ? 5.866  14.372  4.392   1.00 34.99 ? 1   DG  A "O4'" 1 
ATOM   5   C "C3'" . DG  A 1 1  ? 6.242  12.045  4.641   1.00 36.19 ? 1   DG  A "C3'" 1 
ATOM   6   O "O3'" . DG  A 1 1  ? 7.174  11.015  5.036   1.00 39.11 ? 1   DG  A "O3'" 1 
ATOM   7   C "C2'" . DG  A 1 1  ? 5.524  12.556  5.829   1.00 34.37 ? 1   DG  A "C2'" 1 
ATOM   8   C "C1'" . DG  A 1 1  ? 4.970  13.882  5.404   1.00 33.47 ? 1   DG  A "C1'" 1 
ATOM   9   N N9    . DG  A 1 1  ? 3.606  13.744  4.870   1.00 29.04 ? 1   DG  A N9    1 
ATOM   10  C C8    . DG  A 1 1  ? 3.208  13.995  3.614   1.00 31.41 ? 1   DG  A C8    1 
ATOM   11  N N7    . DG  A 1 1  ? 1.944  14.101  3.406   1.00 32.09 ? 1   DG  A N7    1 
ATOM   12  C C5    . DG  A 1 1  ? 1.430  13.816  4.734   1.00 31.44 ? 1   DG  A C5    1 
ATOM   13  C C6    . DG  A 1 1  ? 0.112  13.729  5.189   1.00 30.02 ? 1   DG  A C6    1 
ATOM   14  O O6    . DG  A 1 1  ? -0.928 13.819  4.528   1.00 34.07 ? 1   DG  A O6    1 
ATOM   15  N N1    . DG  A 1 1  ? 0.033  13.523  6.536   1.00 24.76 ? 1   DG  A N1    1 
ATOM   16  C C2    . DG  A 1 1  ? 1.125  13.428  7.329   1.00 26.21 ? 1   DG  A C2    1 
ATOM   17  N N2    . DG  A 1 1  ? 0.896  13.175  8.612   1.00 22.46 ? 1   DG  A N2    1 
ATOM   18  N N3    . DG  A 1 1  ? 2.375  13.490  6.946   1.00 26.13 ? 1   DG  A N3    1 
ATOM   19  C C4    . DG  A 1 1  ? 2.453  13.696  5.599   1.00 30.45 ? 1   DG  A C4    1 
ATOM   20  P P     . DT  A 1 2  ? 6.876  9.474   4.774   1.00 39.51 ? 2   DT  A P     1 
ATOM   21  O OP1   . DT  A 1 2  ? 8.072  8.662   5.013   1.00 48.49 ? 2   DT  A OP1   1 
ATOM   22  O OP2   . DT  A 1 2  ? 6.237  9.481   3.404   1.00 38.47 ? 2   DT  A OP2   1 
ATOM   23  O "O5'" . DT  A 1 2  ? 5.882  8.969   5.836   1.00 38.05 ? 2   DT  A "O5'" 1 
ATOM   24  C "C5'" . DT  A 1 2  ? 6.398  8.868   7.182   1.00 36.47 ? 2   DT  A "C5'" 1 
ATOM   25  C "C4'" . DT  A 1 2  ? 5.255  8.869   8.187   1.00 39.56 ? 2   DT  A "C4'" 1 
ATOM   26  O "O4'" . DT  A 1 2  ? 4.438  9.978   7.918   1.00 35.81 ? 2   DT  A "O4'" 1 
ATOM   27  C "C3'" . DT  A 1 2  ? 4.359  7.669   7.988   1.00 44.68 ? 2   DT  A "C3'" 1 
ATOM   28  O "O3'" . DT  A 1 2  ? 4.933  6.478   8.553   1.00 50.78 ? 2   DT  A "O3'" 1 
ATOM   29  C "C2'" . DT  A 1 2  ? 3.203  8.229   8.794   1.00 41.64 ? 2   DT  A "C2'" 1 
ATOM   30  C "C1'" . DT  A 1 2  ? 3.063  9.626   8.280   1.00 37.04 ? 2   DT  A "C1'" 1 
ATOM   31  N N1    . DT  A 1 2  ? 2.194  9.669   7.051   1.00 31.56 ? 2   DT  A N1    1 
ATOM   32  C C2    . DT  A 1 2  ? 0.831  9.760   7.288   1.00 26.16 ? 2   DT  A C2    1 
ATOM   33  O O2    . DT  A 1 2  ? 0.245  9.541   8.342   1.00 27.60 ? 2   DT  A O2    1 
ATOM   34  N N3    . DT  A 1 2  ? 0.146  10.106  6.110   1.00 22.77 ? 2   DT  A N3    1 
ATOM   35  C C4    . DT  A 1 2  ? 0.622  10.189  4.863   1.00 24.33 ? 2   DT  A C4    1 
ATOM   36  O O4    . DT  A 1 2  ? -0.211 10.397  3.967   1.00 27.71 ? 2   DT  A O4    1 
ATOM   37  C C5    . DT  A 1 2  ? 2.037  10.097  4.757   1.00 23.36 ? 2   DT  A C5    1 
ATOM   38  C C7    . DT  A 1 2  ? 2.768  10.384  3.456   1.00 22.24 ? 2   DT  A C7    1 
ATOM   39  C C6    . DT  A 1 2  ? 2.760  9.790   5.840   1.00 26.66 ? 2   DT  A C6    1 
ATOM   40  P P     . DA  A 1 3  ? 4.836  5.073   7.745   1.00 49.98 ? 3   DA  A P     1 
ATOM   41  O OP1   . DA  A 1 3  ? 5.645  4.144   8.509   1.00 52.47 ? 3   DA  A OP1   1 
ATOM   42  O OP2   . DA  A 1 3  ? 4.957  5.227   6.252   1.00 49.13 ? 3   DA  A OP2   1 
ATOM   43  O "O5'" . DA  A 1 3  ? 3.274  4.705   8.103   1.00 45.38 ? 3   DA  A "O5'" 1 
ATOM   44  C "C5'" . DA  A 1 3  ? 3.009  4.323   9.432   1.00 41.38 ? 3   DA  A "C5'" 1 
ATOM   45  C "C4'" . DA  A 1 3  ? 1.556  4.378   9.633   1.00 40.42 ? 3   DA  A "C4'" 1 
ATOM   46  O "O4'" . DA  A 1 3  ? 1.090  5.669   9.278   1.00 40.52 ? 3   DA  A "O4'" 1 
ATOM   47  C "C3'" . DA  A 1 3  ? 0.739  3.417   8.861   1.00 42.10 ? 3   DA  A "C3'" 1 
ATOM   48  O "O3'" . DA  A 1 3  ? 0.849  2.033   9.351   1.00 42.67 ? 3   DA  A "O3'" 1 
ATOM   49  C "C2'" . DA  A 1 3  ? -0.591 4.084   9.113   1.00 37.04 ? 3   DA  A "C2'" 1 
ATOM   50  C "C1'" . DA  A 1 3  ? -0.280 5.550   8.828   1.00 36.11 ? 3   DA  A "C1'" 1 
ATOM   51  N N9    . DA  A 1 3  ? -0.411 5.929   7.367   1.00 27.15 ? 3   DA  A N9    1 
ATOM   52  C C8    . DA  A 1 3  ? 0.573  6.027   6.412   1.00 23.10 ? 3   DA  A C8    1 
ATOM   53  N N7    . DA  A 1 3  ? 0.199  6.482   5.262   1.00 23.09 ? 3   DA  A N7    1 
ATOM   54  C C5    . DA  A 1 3  ? -1.195 6.709   5.507   1.00 18.55 ? 3   DA  A C5    1 
ATOM   55  C C6    . DA  A 1 3  ? -2.219 7.151   4.672   1.00 17.20 ? 3   DA  A C6    1 
ATOM   56  N N6    . DA  A 1 3  ? -1.965 7.645   3.477   1.00 18.21 ? 3   DA  A N6    1 
ATOM   57  N N1    . DA  A 1 3  ? -3.442 7.204   5.110   1.00 17.93 ? 3   DA  A N1    1 
ATOM   58  C C2    . DA  A 1 3  ? -3.666 6.734   6.311   1.00 21.27 ? 3   DA  A C2    1 
ATOM   59  N N3    . DA  A 1 3  ? -2.806 6.285   7.251   1.00 24.89 ? 3   DA  A N3    1 
ATOM   60  C C4    . DA  A 1 3  ? -1.543 6.306   6.699   1.00 19.07 ? 3   DA  A C4    1 
ATOM   61  P P     . DC  A 1 4  ? 0.854  0.749   8.442   1.00 45.15 ? 4   DC  A P     1 
ATOM   62  O OP1   . DC  A 1 4  ? 1.263  -0.485  9.128   1.00 48.52 ? 4   DC  A OP1   1 
ATOM   63  O OP2   . DC  A 1 4  ? 1.527  1.060   7.094   1.00 40.56 ? 4   DC  A OP2   1 
ATOM   64  O "O5'" . DC  A 1 4  ? -0.722 0.711   8.224   1.00 39.98 ? 4   DC  A "O5'" 1 
ATOM   65  C "C5'" . DC  A 1 4  ? -1.618 0.382   9.250   1.00 35.40 ? 4   DC  A "C5'" 1 
ATOM   66  C "C4'" . DC  A 1 4  ? -3.054 0.664   8.850   1.00 38.35 ? 4   DC  A "C4'" 1 
ATOM   67  O "O4'" . DC  A 1 4  ? -3.208 2.065   8.522   1.00 36.16 ? 4   DC  A "O4'" 1 
ATOM   68  C "C3'" . DC  A 1 4  ? -3.517 -0.077  7.578   1.00 40.01 ? 4   DC  A "C3'" 1 
ATOM   69  O "O3'" . DC  A 1 4  ? -4.015 -1.399  7.874   1.00 41.56 ? 4   DC  A "O3'" 1 
ATOM   70  C "C2'" . DC  A 1 4  ? -4.672 0.808   7.226   1.00 37.01 ? 4   DC  A "C2'" 1 
ATOM   71  C "C1'" . DC  A 1 4  ? -4.090 2.185   7.445   1.00 34.59 ? 4   DC  A "C1'" 1 
ATOM   72  N N1    . DC  A 1 4  ? -3.452 2.563   6.140   1.00 31.57 ? 4   DC  A N1    1 
ATOM   73  C C2    . DC  A 1 4  ? -4.316 3.263   5.265   1.00 30.91 ? 4   DC  A C2    1 
ATOM   74  O O2    . DC  A 1 4  ? -5.520 3.380   5.482   1.00 33.23 ? 4   DC  A O2    1 
ATOM   75  N N3    . DC  A 1 4  ? -3.754 3.795   4.133   1.00 26.12 ? 4   DC  A N3    1 
ATOM   76  C C4    . DC  A 1 4  ? -2.457 3.749   3.933   1.00 27.63 ? 4   DC  A C4    1 
ATOM   77  N N4    . DC  A 1 4  ? -1.987 4.210   2.783   1.00 28.52 ? 4   DC  A N4    1 
ATOM   78  C C5    . DC  A 1 4  ? -1.565 3.162   4.864   1.00 28.27 ? 4   DC  A C5    1 
ATOM   79  C C6    . DC  A 1 4  ? -2.128 2.629   5.997   1.00 27.11 ? 4   DC  A C6    1 
ATOM   80  P P     . DG  A 1 5  ? -3.768 -2.438  6.684   1.00 44.67 ? 5   DG  A P     1 
ATOM   81  O OP1   . DG  A 1 5  ? -4.046 -3.458  7.744   1.00 46.90 ? 5   DG  A OP1   1 
ATOM   82  O OP2   . DG  A 1 5  ? -2.658 -2.694  5.692   1.00 44.61 ? 5   DG  A OP2   1 
ATOM   83  O "O5'" . DG  A 1 5  ? -5.136 -2.164  5.832   1.00 45.12 ? 5   DG  A "O5'" 1 
ATOM   84  C "C5'" . DG  A 1 5  ? -6.453 -2.414  6.272   1.00 34.35 ? 5   DG  A "C5'" 1 
ATOM   85  C "C4'" . DG  A 1 5  ? -7.430 -2.079  5.224   1.00 28.86 ? 5   DG  A "C4'" 1 
ATOM   86  O "O4'" . DG  A 1 5  ? -7.280 -0.708  4.994   1.00 31.79 ? 5   DG  A "O4'" 1 
ATOM   87  C "C3'" . DG  A 1 5  ? -7.171 -2.676  3.909   1.00 27.42 ? 5   DG  A "C3'" 1 
ATOM   88  O "O3'" . DG  A 1 5  ? -7.765 -3.976  3.841   1.00 31.82 ? 5   DG  A "O3'" 1 
ATOM   89  C "C2'" . DG  A 1 5  ? -7.905 -1.740  2.988   1.00 27.43 ? 5   DG  A "C2'" 1 
ATOM   90  C "C1'" . DG  A 1 5  ? -7.543 -0.439  3.610   1.00 30.76 ? 5   DG  A "C1'" 1 
ATOM   91  N N9    . DG  A 1 5  ? -6.366 0.170   2.998   1.00 28.65 ? 5   DG  A N9    1 
ATOM   92  C C8    . DG  A 1 5  ? -5.055 0.115   3.404   1.00 26.08 ? 5   DG  A C8    1 
ATOM   93  N N7    . DG  A 1 5  ? -4.237 0.689   2.599   1.00 25.15 ? 5   DG  A N7    1 
ATOM   94  C C5    . DG  A 1 5  ? -5.058 1.177   1.563   1.00 26.10 ? 5   DG  A C5    1 
ATOM   95  C C6    . DG  A 1 5  ? -4.740 1.913   0.377   1.00 24.19 ? 5   DG  A C6    1 
ATOM   96  O O6    . DG  A 1 5  ? -3.647 2.339   0.010   1.00 26.94 ? 5   DG  A O6    1 
ATOM   97  N N1    . DG  A 1 5  ? -5.831 2.042   -0.432  1.00 23.54 ? 5   DG  A N1    1 
ATOM   98  C C2    . DG  A 1 5  ? -7.108 1.706   -0.120  1.00 20.21 ? 5   DG  A C2    1 
ATOM   99  N N2    . DG  A 1 5  ? -8.068 1.909   -0.990  1.00 26.28 ? 5   DG  A N2    1 
ATOM   100 N N3    . DG  A 1 5  ? -7.455 1.142   1.058   1.00 24.04 ? 5   DG  A N3    1 
ATOM   101 C C4    . DG  A 1 5  ? -6.394 0.864   1.829   1.00 28.04 ? 5   DG  A C4    1 
ATOM   102 P P     . DC  A 1 6  ? -7.014 -5.108  2.995   1.00 40.01 ? 6   DC  A P     1 
ATOM   103 O OP1   . DC  A 1 6  ? -8.003 -6.024  3.581   1.00 48.36 ? 6   DC  A OP1   1 
ATOM   104 O OP2   . DC  A 1 6  ? -5.568 -5.500  2.866   1.00 43.23 ? 6   DC  A OP2   1 
ATOM   105 O "O5'" . DC  A 1 6  ? -7.516 -4.691  1.492   1.00 37.08 ? 6   DC  A "O5'" 1 
ATOM   106 C "C5'" . DC  A 1 6  ? -8.823 -4.727  1.037   1.00 30.86 ? 6   DC  A "C5'" 1 
ATOM   107 C "C4'" . DC  A 1 6  ? -8.960 -4.132  -0.343  1.00 29.63 ? 6   DC  A "C4'" 1 
ATOM   108 O "O4'" . DC  A 1 6  ? -8.608 -2.754  -0.361  1.00 27.69 ? 6   DC  A "O4'" 1 
ATOM   109 C "C3'" . DC  A 1 6  ? -8.103 -4.717  -1.313  1.00 30.69 ? 6   DC  A "C3'" 1 
ATOM   110 O "O3'" . DC  A 1 6  ? -8.605 -5.982  -1.742  1.00 39.69 ? 6   DC  A "O3'" 1 
ATOM   111 C "C2'" . DC  A 1 6  ? -8.169 -3.706  -2.375  1.00 29.35 ? 6   DC  A "C2'" 1 
ATOM   112 C "C1'" . DC  A 1 6  ? -8.003 -2.435  -1.653  1.00 27.38 ? 6   DC  A "C1'" 1 
ATOM   113 N N1    . DC  A 1 6  ? -6.581 -1.996  -1.438  1.00 23.16 ? 6   DC  A N1    1 
ATOM   114 C C2    . DC  A 1 6  ? -6.093 -1.115  -2.402  1.00 23.88 ? 6   DC  A C2    1 
ATOM   115 O O2    . DC  A 1 6  ? -6.763 -0.775  -3.370  1.00 28.97 ? 6   DC  A O2    1 
ATOM   116 N N3    . DC  A 1 6  ? -4.860 -0.566  -2.158  1.00 24.99 ? 6   DC  A N3    1 
ATOM   117 C C4    . DC  A 1 6  ? -4.102 -0.940  -1.119  1.00 25.88 ? 6   DC  A C4    1 
ATOM   118 N N4    . DC  A 1 6  ? -2.788 -0.601  -1.115  1.00 26.51 ? 6   DC  A N4    1 
ATOM   119 C C5    . DC  A 1 6  ? -4.655 -1.778  -0.118  1.00 21.03 ? 6   DC  A C5    1 
ATOM   120 C C6    . DC  A 1 6  ? -5.926 -2.170  -0.269  1.00 23.91 ? 6   DC  A C6    1 
ATOM   121 P P     . DG  A 1 7  ? -7.653 -7.104  -2.374  1.00 44.42 ? 7   DG  A P     1 
ATOM   122 O OP1   . DG  A 1 7  ? -8.777 -8.071  -2.435  1.00 50.74 ? 7   DG  A OP1   1 
ATOM   123 O OP2   . DG  A 1 7  ? -6.443 -7.406  -1.502  1.00 49.43 ? 7   DG  A OP2   1 
ATOM   124 O "O5'" . DG  A 1 7  ? -7.322 -6.409  -3.729  1.00 35.43 ? 7   DG  A "O5'" 1 
ATOM   125 C "C5'" . DG  A 1 7  ? -6.164 -6.773  -4.537  1.00 30.65 ? 7   DG  A "C5'" 1 
ATOM   126 C "C4'" . DG  A 1 7  ? -6.165 -5.805  -5.636  1.00 31.73 ? 7   DG  A "C4'" 1 
ATOM   127 O "O4'" . DG  A 1 7  ? -6.138 -4.461  -5.133  1.00 32.68 ? 7   DG  A "O4'" 1 
ATOM   128 C "C3'" . DG  A 1 7  ? -4.909 -5.958  -6.496  1.00 34.28 ? 7   DG  A "C3'" 1 
ATOM   129 O "O3'" . DG  A 1 7  ? -5.146 -6.968  -7.493  1.00 39.89 ? 7   DG  A "O3'" 1 
ATOM   130 C "C2'" . DG  A 1 7  ? -4.706 -4.555  -7.009  1.00 29.04 ? 7   DG  A "C2'" 1 
ATOM   131 C "C1'" . DG  A 1 7  ? -5.081 -3.715  -5.790  1.00 26.63 ? 7   DG  A "C1'" 1 
ATOM   132 N N9    . DG  A 1 7  ? -3.969 -3.514  -4.842  1.00 23.36 ? 7   DG  A N9    1 
ATOM   133 C C8    . DG  A 1 7  ? -3.956 -3.845  -3.474  1.00 20.66 ? 7   DG  A C8    1 
ATOM   134 N N7    . DG  A 1 7  ? -2.877 -3.381  -2.882  1.00 22.44 ? 7   DG  A N7    1 
ATOM   135 C C5    . DG  A 1 7  ? -2.236 -2.577  -3.813  1.00 22.19 ? 7   DG  A C5    1 
ATOM   136 C C6    . DG  A 1 7  ? -1.018 -1.861  -3.764  1.00 25.31 ? 7   DG  A C6    1 
ATOM   137 O O6    . DG  A 1 7  ? -0.249 -1.667  -2.818  1.00 28.06 ? 7   DG  A O6    1 
ATOM   138 N N1    . DG  A 1 7  ? -0.763 -1.207  -4.944  1.00 22.53 ? 7   DG  A N1    1 
ATOM   139 C C2    . DG  A 1 7  ? -1.477 -1.367  -6.173  1.00 22.57 ? 7   DG  A C2    1 
ATOM   140 N N2    . DG  A 1 7  ? -1.046 -0.749  -7.230  1.00 24.96 ? 7   DG  A N2    1 
ATOM   141 N N3    . DG  A 1 7  ? -2.603 -2.013  -6.204  1.00 19.40 ? 7   DG  A N3    1 
ATOM   142 C C4    . DG  A 1 7  ? -2.916 -2.643  -5.071  1.00 23.30 ? 7   DG  A C4    1 
ATOM   143 P P     . DT  A 1 8  ? -3.973 -7.983  -7.756  1.00 36.29 ? 8   DT  A P     1 
ATOM   144 O OP1   . DT  A 1 8  ? -4.547 -8.859  -8.824  1.00 38.51 ? 8   DT  A OP1   1 
ATOM   145 O OP2   . DT  A 1 8  ? -3.550 -8.511  -6.439  1.00 36.15 ? 8   DT  A OP2   1 
ATOM   146 O "O5'" . DT  A 1 8  ? -2.892 -6.997  -8.324  1.00 33.69 ? 8   DT  A "O5'" 1 
ATOM   147 C "C5'" . DT  A 1 8  ? -3.029 -6.598  -9.701  1.00 33.34 ? 8   DT  A "C5'" 1 
ATOM   148 C "C4'" . DT  A 1 8  ? -1.871 -5.733  -10.063 1.00 32.08 ? 8   DT  A "C4'" 1 
ATOM   149 O "O4'" . DT  A 1 8  ? -1.789 -4.679  -9.080  1.00 35.28 ? 8   DT  A "O4'" 1 
ATOM   150 C "C3'" . DT  A 1 8  ? -0.602 -6.412  -9.949  1.00 37.78 ? 8   DT  A "C3'" 1 
ATOM   151 O "O3'" . DT  A 1 8  ? -0.449 -7.236  -11.111 1.00 45.16 ? 8   DT  A "O3'" 1 
ATOM   152 C "C2'" . DT  A 1 8  ? 0.308  -5.218  -9.935  1.00 34.20 ? 8   DT  A "C2'" 1 
ATOM   153 C "C1'" . DT  A 1 8  ? -0.393 -4.320  -8.938  1.00 33.03 ? 8   DT  A "C1'" 1 
ATOM   154 N N1    . DT  A 1 8  ? 0.093  -4.606  -7.612  1.00 28.56 ? 8   DT  A N1    1 
ATOM   155 C C2    . DT  A 1 8  ? 1.091  -3.769  -7.162  1.00 29.39 ? 8   DT  A C2    1 
ATOM   156 O O2    . DT  A 1 8  ? 1.716  -2.996  -7.889  1.00 32.81 ? 8   DT  A O2    1 
ATOM   157 N N3    . DT  A 1 8  ? 1.355  -3.842  -5.782  1.00 25.77 ? 8   DT  A N3    1 
ATOM   158 C C4    . DT  A 1 8  ? 0.655  -4.623  -4.898  1.00 27.63 ? 8   DT  A C4    1 
ATOM   159 O O4    . DT  A 1 8  ? 0.933  -4.541  -3.688  1.00 33.47 ? 8   DT  A O4    1 
ATOM   160 C C5    . DT  A 1 8  ? -0.400 -5.402  -5.411  1.00 24.94 ? 8   DT  A C5    1 
ATOM   161 C C7    . DT  A 1 8  ? -1.287 -6.197  -4.531  1.00 26.59 ? 8   DT  A C7    1 
ATOM   162 C C6    . DT  A 1 8  ? -0.638 -5.410  -6.734  1.00 26.01 ? 8   DT  A C6    1 
ATOM   163 P P     . DA  A 1 9  ? 0.744  -8.277  -11.246 1.00 52.38 ? 9   DA  A P     1 
ATOM   164 O OP1   . DA  A 1 9  ? 0.514  -8.467  -12.668 1.00 51.32 ? 9   DA  A OP1   1 
ATOM   165 O OP2   . DA  A 1 9  ? 0.470  -9.387  -10.236 1.00 52.46 ? 9   DA  A OP2   1 
ATOM   166 O "O5'" . DA  A 1 9  ? 2.233  -7.686  -11.072 1.00 47.26 ? 9   DA  A "O5'" 1 
ATOM   167 C "C5'" . DA  A 1 9  ? 2.789  -6.938  -12.123 1.00 43.35 ? 9   DA  A "C5'" 1 
ATOM   168 C "C4'" . DA  A 1 9  ? 3.969  -6.228  -11.600 1.00 44.44 ? 9   DA  A "C4'" 1 
ATOM   169 O "O4'" . DA  A 1 9  ? 3.565  -5.536  -10.418 1.00 46.53 ? 9   DA  A "O4'" 1 
ATOM   170 C "C3'" . DA  A 1 9  ? 5.017  -7.178  -11.079 1.00 46.24 ? 9   DA  A "C3'" 1 
ATOM   171 O "O3'" . DA  A 1 9  ? 5.817  -7.704  -12.114 1.00 50.65 ? 9   DA  A "O3'" 1 
ATOM   172 C "C2'" . DA  A 1 9  ? 5.759  -6.224  -10.150 1.00 44.36 ? 9   DA  A "C2'" 1 
ATOM   173 C "C1'" . DA  A 1 9  ? 4.682  -5.391  -9.538  1.00 39.21 ? 9   DA  A "C1'" 1 
ATOM   174 N N9    . DA  A 1 9  ? 4.387  -5.957  -8.231  1.00 32.40 ? 9   DA  A N9    1 
ATOM   175 C C8    . DA  A 1 9  ? 3.352  -6.729  -7.845  1.00 28.60 ? 9   DA  A C8    1 
ATOM   176 N N7    . DA  A 1 9  ? 3.122  -6.661  -6.533  1.00 30.10 ? 9   DA  A N7    1 
ATOM   177 C C5    . DA  A 1 9  ? 4.150  -5.836  -6.059  1.00 29.55 ? 9   DA  A C5    1 
ATOM   178 C C6    . DA  A 1 9  ? 4.609  -5.523  -4.765  1.00 29.35 ? 9   DA  A C6    1 
ATOM   179 N N6    . DA  A 1 9  ? 4.022  -5.938  -3.708  1.00 30.14 ? 9   DA  A N6    1 
ATOM   180 N N1    . DA  A 1 9  ? 5.731  -4.787  -4.684  1.00 31.22 ? 9   DA  A N1    1 
ATOM   181 C C2    . DA  A 1 9  ? 6.290  -4.325  -5.782  1.00 30.10 ? 9   DA  A C2    1 
ATOM   182 N N3    . DA  A 1 9  ? 5.954  -4.545  -7.053  1.00 31.51 ? 9   DA  A N3    1 
ATOM   183 C C4    . DA  A 1 9  ? 4.895  -5.394  -7.136  1.00 28.52 ? 9   DA  A C4    1 
ATOM   184 P P     . DC  A 1 10 ? 6.514  -9.158  -11.932 1.00 52.35 ? 10  DC  A P     1 
ATOM   185 O OP1   . DC  A 1 10 ? 6.815  -9.486  -13.363 1.00 48.18 ? 10  DC  A OP1   1 
ATOM   186 O OP2   . DC  A 1 10 ? 5.725  -10.100 -11.115 1.00 47.85 ? 10  DC  A OP2   1 
ATOM   187 O "O5'" . DC  A 1 10 ? 7.890  -8.900  -11.155 1.00 43.81 ? 10  DC  A "O5'" 1 
ATOM   188 C "C5'" . DC  A 1 10 ? 8.929  -8.023  -11.593 1.00 37.44 ? 10  DC  A "C5'" 1 
ATOM   189 C "C4'" . DC  A 1 10 ? 9.867  -7.718  -10.408 1.00 37.92 ? 10  DC  A "C4'" 1 
ATOM   190 O "O4'" . DC  A 1 10 ? 9.227  -6.934  -9.414  1.00 34.75 ? 10  DC  A "O4'" 1 
ATOM   191 C "C3'" . DC  A 1 10 ? 10.158 -9.067  -9.829  1.00 34.99 ? 10  DC  A "C3'" 1 
ATOM   192 O "O3'" . DC  A 1 10 ? 11.330 -9.599  -10.443 1.00 36.51 ? 10  DC  A "O3'" 1 
ATOM   193 C "C2'" . DC  A 1 10 ? 10.324 -8.798  -8.387  1.00 30.80 ? 10  DC  A "C2'" 1 
ATOM   194 C "C1'" . DC  A 1 10 ? 9.590  -7.474  -8.126  1.00 32.41 ? 10  DC  A "C1'" 1 
ATOM   195 N N1    . DC  A 1 10 ? 8.454  -7.654  -7.220  1.00 26.25 ? 10  DC  A N1    1 
ATOM   196 C C2    . DC  A 1 10 ? 8.571  -7.151  -5.929  1.00 26.24 ? 10  DC  A C2    1 
ATOM   197 O O2    . DC  A 1 10 ? 9.484  -6.407  -5.581  1.00 33.82 ? 10  DC  A O2    1 
ATOM   198 N N3    . DC  A 1 10 ? 7.682  -7.465  -5.004  1.00 22.22 ? 10  DC  A N3    1 
ATOM   199 C C4    . DC  A 1 10 ? 6.642  -8.215  -5.326  1.00 23.40 ? 10  DC  A C4    1 
ATOM   200 N N4    . DC  A 1 10 ? 5.783  -8.540  -4.377  1.00 21.38 ? 10  DC  A N4    1 
ATOM   201 C C5    . DC  A 1 10 ? 6.436  -8.717  -6.669  1.00 22.41 ? 10  DC  A C5    1 
ATOM   202 C C6    . DC  A 1 10 ? 7.355  -8.380  -7.589  1.00 21.14 ? 10  DC  A C6    1 
HETATM 203 O O     . HOH B 2 .  ? -1.604 -0.147  2.785   1.00 42.65 ? 101 HOH A O     1 
HETATM 204 O O     . HOH B 2 .  ? -3.193 -3.923  2.984   1.00 47.06 ? 102 HOH A O     1 
HETATM 205 O O     . HOH B 2 .  ? 3.204  12.976  10.421  1.00 44.64 ? 103 HOH A O     1 
HETATM 206 O O     . HOH B 2 .  ? -1.398 -2.677  1.688   1.00 45.39 ? 104 HOH A O     1 
HETATM 207 O O     . HOH B 2 .  ? -1.689 -4.324  -0.826  1.00 48.05 ? 105 HOH A O     1 
HETATM 208 O O     . HOH B 2 .  ? 10.197 -0.133  -8.991  0.5  48.90 ? 106 HOH A O     1 
HETATM 209 O O     . HOH B 2 .  ? -4.824 -5.389  -0.279  1.00 49.98 ? 107 HOH A O     1 
HETATM 210 O O     . HOH B 2 .  ? -8.088 2.674   6.480   1.00 52.06 ? 108 HOH A O     1 
HETATM 211 O O     . HOH B 2 .  ? 4.819  -9.848  -17.040 1.00 53.41 ? 109 HOH A O     1 
HETATM 212 O O     . HOH B 2 .  ? 1.920  8.223   11.351  1.00 53.49 ? 110 HOH A O     1 
HETATM 213 O O     . HOH B 2 .  ? 2.324  -2.123  -10.795 1.00 54.45 ? 111 HOH A O     1 
HETATM 214 O O     . HOH B 2 .  ? 9.267  7.499   7.436   1.00 52.36 ? 112 HOH A O     1 
HETATM 215 O O     . HOH B 2 .  ? 4.260  6.444   3.987   1.00 52.66 ? 113 HOH A O     1 
HETATM 216 O O     . HOH B 2 .  ? -0.503 -0.373  4.980   1.00 53.32 ? 114 HOH A O     1 
HETATM 217 O O     . HOH B 2 .  ? 5.819  5.207   3.917   1.00 55.04 ? 115 HOH A O     1 
HETATM 218 O O     . HOH B 2 .  ? 1.730  -2.939  -13.066 1.00 55.46 ? 116 HOH A O     1 
HETATM 219 O O     . HOH B 2 .  ? 10.432 -12.138 -11.402 1.00 55.71 ? 117 HOH A O     1 
HETATM 220 O O     . HOH B 2 .  ? 5.115  -0.005  5.266   1.00 67.62 ? 118 HOH A O     1 
HETATM 221 O O     . HOH B 2 .  ? 5.478  11.691  9.684   1.00 61.62 ? 119 HOH A O     1 
HETATM 222 O O     . HOH B 2 .  ? -3.895 5.416   9.572   1.00 62.08 ? 120 HOH A O     1 
HETATM 223 O O     . HOH B 2 .  ? 0.250  14.898  1.473   1.00 63.50 ? 121 HOH A O     1 
HETATM 224 O O     . HOH B 2 .  ? -0.916 2.270   -0.416  0.5  64.12 ? 122 HOH A O     1 
HETATM 225 O O     . HOH B 2 .  ? 1.370  7.308   3.082   1.00 65.32 ? 123 HOH A O     1 
HETATM 226 O O     . HOH B 2 .  ? 2.412  -11.722 -12.738 1.00 65.33 ? 124 HOH A O     1 
HETATM 227 O O     . HOH B 2 .  ? 9.540  3.164   8.569   1.00 68.86 ? 125 HOH A O     1 
HETATM 228 O O     . HOH B 2 .  ? -8.104 -7.545  6.282   1.00 71.11 ? 126 HOH A O     1 
HETATM 229 O O     . HOH B 2 .  ? -2.611 -5.651  5.178   1.00 73.16 ? 127 HOH A O     1 
HETATM 230 O O     . HOH B 2 .  ? 0.332  4.036   2.822   1.00 74.77 ? 128 HOH A O     1 
HETATM 231 O O     . HOH B 2 .  ? 0.555  -2.461  -0.668  1.00 75.95 ? 129 HOH A O     1 
HETATM 232 O O     . HOH B 2 .  ? 8.011  -6.127  -14.358 1.00 79.12 ? 130 HOH A O     1 
HETATM 233 O O     . HOH B 2 .  ? -6.679 0.051   10.410  1.00 80.17 ? 131 HOH A O     1 
HETATM 234 O O     . HOH B 2 .  ? -5.311 -6.463  5.771   1.00 83.58 ? 132 HOH A O     1 
HETATM 235 O O     . HOH B 2 .  ? -2.105 9.227   10.463  1.00 87.27 ? 133 HOH A O     1 
HETATM 236 O O     . HOH B 2 .  ? -3.075 -7.651  -1.135  1.00 87.66 ? 134 HOH A O     1 
HETATM 237 O O     . HOH B 2 .  ? -2.109 -10.881 -9.791  1.00 81.97 ? 135 HOH A O     1 
HETATM 238 O O     . HOH B 2 .  ? 0.376  -3.324  6.085   1.00 82.89 ? 136 HOH A O     1 
HETATM 239 O O     . HOH B 2 .  ? 6.098  0.314   7.867   1.00 83.78 ? 137 HOH A O     1 
HETATM 240 O O     . HOH B 2 .  ? -9.442 -7.371  7.922   1.00 83.79 ? 138 HOH A O     1 
HETATM 241 O O     . HOH B 2 .  ? 3.384  0.414   -10.387 1.00 85.21 ? 139 HOH A O     1 
HETATM 242 O O     . HOH B 2 .  ? 1.877  -8.628  -5.788  1.00 87.52 ? 140 HOH A O     1 
# 
